data_2VTF
#
_entry.id   2VTF
#
_cell.length_a   89.840
_cell.length_b   226.760
_cell.length_c   68.350
_cell.angle_alpha   90.00
_cell.angle_beta   90.00
_cell.angle_gamma   90.00
#
_symmetry.space_group_name_H-M   'P 21 21 2'
#
loop_
_entity.id
_entity.type
_entity.pdbx_description
1 polymer ENDO-BETA-N-ACETYLGLUCOSAMINIDASE
2 non-polymer 2-[3-(2-HYDROXY-1,1-DIHYDROXYMETHYL-ETHYLAMINO)-PROPYLAMINO]-2-HYDROXYMETHYL-PROPANE-1,3-DIOL
3 non-polymer 'TRIETHYLENE GLYCOL'
4 water water
#
_entity_poly.entity_id   1
_entity_poly.type   'polypeptide(L)'
_entity_poly.pdbx_seq_one_letter_code
;MADIGSTYNGPLSSHWFPEELAQWEPDSDPDAPFNRSHVPLEPGRVADRVNANADTDAHLVSLSALNRHTSGVPSQGAPV
FYENTFSYWHYTDLMVYWAGSAGEGIIVPPSADVIDASHRNGVPILGNVFFPPTVYGGQLEWLEQMLEQEEDGSFPLADK
LLEVADYYGFDGWFINQQTEGADEGTAEAMQAFLVYLQEQKPEGMHIMWYDSMIDTGAIAWQNHLTDRNKMYLQNGSTRV
ADSMFLNFWWRDQRQSNELAQALGRSPYDLYAGVDVEARGTSTPVQWEGLFPEGEKAHTSLGLYRPDWAFQSSETMEAFY
EKELQFWVGSTGNPAETDGQSNWPGMAHWFPAKSTATSVPFVTHFNTGSGAQFSAEGKTVSEQEWNNRSLQDVLPTWRWI
QHGGDLEATFSWEEAFEGGSSLQWHGSLAEGEHAQIELYQTELPISEGTSLTWTFKSEHGNDLNVGFRLDGEEDFRYVEG
EQRESINGWTQWTLPLDAFAGQTITGLAFAAEGNETGLAEFYIGQLAVGADSEKPAAPNVNVRQYDPDPSGIQLVWEKQS
NVHHYRVYKETKHGKELIGTSAGDRIYLEGLVEESKQNDVRLHIEALSETFVPSDARMIDIKSGSF
;
_entity_poly.pdbx_strand_id   A,B
#
# COMPACT_ATOMS: atom_id res chain seq x y z
N THR A 7 -15.67 0.83 -15.84
CA THR A 7 -15.42 2.20 -16.41
C THR A 7 -16.65 3.10 -16.27
N TYR A 8 -16.67 3.87 -15.18
CA TYR A 8 -17.82 4.72 -14.87
C TYR A 8 -17.73 6.06 -15.57
N ASN A 9 -18.76 6.43 -16.33
CA ASN A 9 -18.73 7.68 -17.07
C ASN A 9 -19.72 8.73 -16.58
N GLY A 10 -20.23 8.55 -15.37
CA GLY A 10 -21.14 9.52 -14.76
C GLY A 10 -20.42 10.68 -14.11
N PRO A 11 -21.20 11.63 -13.56
CA PRO A 11 -20.61 12.85 -12.99
C PRO A 11 -19.78 12.53 -11.75
N LEU A 12 -18.71 13.31 -11.55
CA LEU A 12 -17.78 13.07 -10.46
C LEU A 12 -17.59 14.32 -9.61
N SER A 13 -17.26 14.12 -8.34
CA SER A 13 -16.99 15.23 -7.43
C SER A 13 -15.72 15.94 -7.92
N SER A 14 -15.66 17.27 -7.75
CA SER A 14 -14.65 18.12 -8.42
C SER A 14 -13.31 18.06 -7.71
N HIS A 15 -12.25 18.42 -8.43
CA HIS A 15 -10.95 18.68 -7.80
C HIS A 15 -10.13 19.47 -8.80
N TRP A 16 -9.36 20.45 -8.33
CA TRP A 16 -8.67 21.35 -9.25
C TRP A 16 -7.23 21.61 -8.86
N PHE A 17 -6.41 21.91 -9.87
CA PHE A 17 -5.21 22.70 -9.66
C PHE A 17 -5.55 24.17 -9.84
N PRO A 18 -4.73 25.06 -9.28
CA PRO A 18 -5.02 26.48 -9.30
C PRO A 18 -5.42 27.00 -10.68
N GLU A 19 -4.72 26.57 -11.72
CA GLU A 19 -4.98 27.11 -13.06
C GLU A 19 -6.35 26.69 -13.55
N GLU A 20 -6.80 25.54 -13.09
CA GLU A 20 -8.13 25.06 -13.43
C GLU A 20 -9.20 25.81 -12.66
N LEU A 21 -9.00 25.91 -11.35
CA LEU A 21 -9.89 26.70 -10.53
C LEU A 21 -10.08 28.13 -11.06
N ALA A 22 -8.99 28.78 -11.50
CA ALA A 22 -9.06 30.18 -11.92
C ALA A 22 -10.13 30.38 -12.99
N GLN A 23 -10.30 29.37 -13.82
CA GLN A 23 -11.22 29.42 -14.95
C GLN A 23 -12.58 28.78 -14.68
N TRP A 24 -12.77 28.26 -13.46
CA TRP A 24 -13.95 27.46 -13.18
C TRP A 24 -15.23 28.28 -13.18
N GLU A 25 -16.23 27.77 -13.90
CA GLU A 25 -17.55 28.37 -13.88
C GLU A 25 -18.59 27.25 -13.88
N PRO A 26 -19.56 27.33 -12.96
CA PRO A 26 -20.55 26.26 -12.85
C PRO A 26 -21.21 25.95 -14.19
N ASP A 27 -21.57 26.99 -14.94
CA ASP A 27 -22.31 26.80 -16.20
C ASP A 27 -21.57 26.06 -17.30
N SER A 28 -20.24 25.97 -17.21
CA SER A 28 -19.48 25.24 -18.22
C SER A 28 -18.85 23.93 -17.73
N ASP A 29 -19.30 23.47 -16.57
CA ASP A 29 -18.84 22.21 -16.04
C ASP A 29 -20.07 21.33 -15.97
N PRO A 30 -20.15 20.29 -16.83
CA PRO A 30 -21.36 19.47 -16.90
C PRO A 30 -21.64 18.72 -15.58
N ASP A 31 -20.61 18.53 -14.77
CA ASP A 31 -20.75 17.84 -13.49
C ASP A 31 -21.19 18.75 -12.35
N ALA A 32 -21.06 20.06 -12.51
CA ALA A 32 -21.27 20.97 -11.39
C ALA A 32 -22.66 20.87 -10.75
N PRO A 33 -23.71 20.80 -11.57
CA PRO A 33 -25.02 20.70 -10.92
C PRO A 33 -25.17 19.43 -10.05
N PHE A 34 -24.48 18.36 -10.39
CA PHE A 34 -24.59 17.10 -9.66
C PHE A 34 -23.85 17.16 -8.35
N ASN A 35 -22.90 18.09 -8.24
CA ASN A 35 -22.08 18.21 -7.04
C ASN A 35 -22.61 19.22 -6.02
N ARG A 36 -23.74 19.87 -6.30
CA ARG A 36 -24.33 20.81 -5.34
C ARG A 36 -25.08 20.08 -4.24
N SER A 37 -24.87 20.51 -3.01
CA SER A 37 -25.65 20.00 -1.89
C SER A 37 -26.91 20.85 -1.79
N HIS A 38 -28.04 20.19 -1.59
CA HIS A 38 -29.32 20.85 -1.39
C HIS A 38 -29.85 20.73 0.03
N VAL A 39 -29.06 20.15 0.93
CA VAL A 39 -29.45 20.09 2.33
C VAL A 39 -28.68 21.15 3.13
N PRO A 40 -29.37 22.19 3.62
CA PRO A 40 -28.63 23.26 4.28
C PRO A 40 -28.15 22.85 5.66
N LEU A 41 -27.08 23.51 6.11
CA LEU A 41 -26.57 23.29 7.44
C LEU A 41 -27.66 23.53 8.48
N GLU A 42 -28.00 22.50 9.25
CA GLU A 42 -29.05 22.62 10.27
C GLU A 42 -28.52 23.38 11.49
N PRO A 43 -29.17 24.50 11.86
CA PRO A 43 -28.71 25.24 13.02
C PRO A 43 -29.32 24.69 14.30
N GLY A 44 -28.79 25.11 15.44
CA GLY A 44 -29.50 24.85 16.71
C GLY A 44 -29.42 23.45 17.32
N ARG A 45 -28.31 22.76 17.13
CA ARG A 45 -28.12 21.45 17.77
C ARG A 45 -28.27 21.58 19.28
N VAL A 46 -28.79 20.54 19.92
CA VAL A 46 -28.87 20.48 21.37
C VAL A 46 -27.93 19.42 21.94
N ALA A 47 -27.41 19.67 23.14
CA ALA A 47 -26.39 18.77 23.70
C ALA A 47 -26.97 17.89 24.79
N ASP A 48 -26.40 16.70 24.95
CA ASP A 48 -26.74 15.85 26.08
C ASP A 48 -25.92 16.20 27.33
N ARG A 49 -26.14 15.44 28.38
CA ARG A 49 -25.45 15.67 29.65
C ARG A 49 -25.17 14.35 30.35
N VAL A 50 -25.09 13.26 29.59
CA VAL A 50 -24.99 11.95 30.20
C VAL A 50 -23.63 11.66 30.82
N ASN A 51 -22.58 12.31 30.34
CA ASN A 51 -21.24 12.03 30.85
C ASN A 51 -20.74 13.08 31.82
N ALA A 52 -20.44 12.66 33.04
CA ALA A 52 -20.13 13.60 34.10
C ALA A 52 -18.76 14.24 33.88
N ASN A 53 -17.89 13.61 33.09
CA ASN A 53 -16.60 14.23 32.79
C ASN A 53 -16.61 15.23 31.64
N ALA A 54 -17.58 15.07 30.73
CA ALA A 54 -17.63 15.89 29.53
C ALA A 54 -17.98 17.33 29.87
N ASP A 55 -17.50 18.27 29.05
CA ASP A 55 -17.84 19.67 29.31
C ASP A 55 -17.98 20.44 28.01
N THR A 56 -18.32 21.72 28.13
CA THR A 56 -18.80 22.47 26.98
C THR A 56 -17.84 23.51 26.44
N ASP A 57 -16.61 23.53 26.92
CA ASP A 57 -15.63 24.52 26.45
C ASP A 57 -14.96 24.09 25.15
N ALA A 58 -14.39 22.89 25.16
CA ALA A 58 -13.61 22.38 24.02
C ALA A 58 -14.50 21.97 22.86
N HIS A 59 -14.00 22.22 21.65
CA HIS A 59 -14.62 21.72 20.43
C HIS A 59 -13.80 20.58 19.81
N LEU A 60 -14.37 19.91 18.82
CA LEU A 60 -13.69 18.82 18.16
C LEU A 60 -13.80 18.97 16.65
N VAL A 61 -12.66 18.98 15.96
CA VAL A 61 -12.64 18.89 14.49
C VAL A 61 -12.14 17.51 14.06
N SER A 62 -12.74 16.96 13.01
CA SER A 62 -12.31 15.69 12.45
C SER A 62 -11.77 15.98 11.05
N LEU A 63 -10.56 15.49 10.77
CA LEU A 63 -9.98 15.55 9.42
C LEU A 63 -10.13 14.15 8.86
N SER A 64 -11.17 13.93 8.07
CA SER A 64 -11.53 12.56 7.73
C SER A 64 -11.52 12.37 6.22
N ALA A 65 -10.87 11.30 5.78
CA ALA A 65 -10.97 10.89 4.37
C ALA A 65 -12.33 10.20 4.21
N LEU A 66 -13.39 10.99 4.08
CA LEU A 66 -14.74 10.43 3.90
C LEU A 66 -14.84 9.72 2.55
N ASN A 67 -14.03 10.16 1.59
CA ASN A 67 -13.76 9.34 0.40
C ASN A 67 -12.28 9.00 0.37
N ARG A 68 -11.99 7.72 0.15
CA ARG A 68 -10.61 7.24 0.18
C ARG A 68 -9.70 7.95 -0.84
N HIS A 69 -10.25 8.26 -2.00
CA HIS A 69 -9.55 8.97 -3.06
C HIS A 69 -10.16 10.33 -3.37
N THR A 70 -9.32 11.20 -3.93
CA THR A 70 -9.73 12.53 -4.33
C THR A 70 -10.51 12.44 -5.63
N SER A 71 -9.94 11.73 -6.60
CA SER A 71 -10.53 11.66 -7.93
C SER A 71 -11.43 10.42 -8.04
N GLY A 72 -12.30 10.42 -9.05
CA GLY A 72 -13.13 9.26 -9.35
C GLY A 72 -14.33 9.01 -8.45
N VAL A 73 -14.66 10.00 -7.63
CA VAL A 73 -15.78 9.89 -6.69
C VAL A 73 -17.09 10.25 -7.37
N PRO A 74 -18.02 9.28 -7.50
CA PRO A 74 -19.29 9.65 -8.17
C PRO A 74 -20.01 10.74 -7.37
N SER A 75 -20.73 11.62 -8.04
CA SER A 75 -21.27 12.82 -7.38
C SER A 75 -22.25 12.52 -6.25
N GLN A 76 -23.06 11.47 -6.42
CA GLN A 76 -24.22 11.28 -5.56
C GLN A 76 -24.36 9.85 -5.05
N GLY A 77 -23.25 9.14 -4.95
CA GLY A 77 -23.27 7.77 -4.46
C GLY A 77 -22.98 6.75 -5.56
N ALA A 78 -22.97 5.47 -5.18
CA ALA A 78 -22.47 4.42 -6.06
C ALA A 78 -22.95 3.07 -5.58
N PRO A 79 -22.90 2.04 -6.43
CA PRO A 79 -23.44 0.73 -6.08
C PRO A 79 -22.43 -0.08 -5.29
N VAL A 80 -22.02 0.43 -4.13
CA VAL A 80 -21.01 -0.19 -3.29
C VAL A 80 -21.46 -0.07 -1.83
N PHE A 81 -21.63 -1.20 -1.16
CA PHE A 81 -22.05 -1.24 0.24
C PHE A 81 -20.96 -0.73 1.18
N TYR A 82 -19.73 -1.23 1.01
CA TYR A 82 -18.65 -0.87 1.91
C TYR A 82 -18.05 0.49 1.52
N GLU A 83 -18.63 1.54 2.11
CA GLU A 83 -18.21 2.90 1.86
C GLU A 83 -18.20 3.60 3.23
N ASN A 84 -17.51 4.72 3.33
CA ASN A 84 -17.25 5.33 4.63
C ASN A 84 -18.47 6.11 5.14
N THR A 85 -19.38 5.38 5.77
CA THR A 85 -20.62 5.97 6.29
C THR A 85 -20.46 6.41 7.74
N PHE A 86 -19.49 7.27 7.97
CA PHE A 86 -19.22 7.88 9.30
C PHE A 86 -20.53 8.22 10.04
N SER A 87 -20.64 7.82 11.32
CA SER A 87 -21.92 8.02 12.05
C SER A 87 -21.77 8.78 13.36
N TYR A 88 -20.59 9.36 13.63
CA TYR A 88 -20.36 10.03 14.93
C TYR A 88 -20.34 11.56 14.79
N TRP A 89 -21.17 12.04 13.88
CA TRP A 89 -21.41 13.49 13.72
C TRP A 89 -21.72 14.14 15.07
N HIS A 90 -22.40 13.40 15.94
CA HIS A 90 -22.84 13.92 17.24
C HIS A 90 -21.71 14.37 18.17
N TYR A 91 -20.48 13.90 17.93
CA TYR A 91 -19.33 14.34 18.74
C TYR A 91 -18.42 15.29 17.99
N THR A 92 -18.80 15.67 16.78
N THR A 92 -18.90 15.76 16.83
CA THR A 92 -17.98 16.60 16.02
CA THR A 92 -18.08 16.56 15.92
C THR A 92 -18.62 17.98 15.98
C THR A 92 -18.61 17.99 15.73
N ASP A 93 -17.77 19.00 16.00
CA ASP A 93 -18.21 20.38 15.82
C ASP A 93 -17.87 20.91 14.42
N LEU A 94 -16.91 20.27 13.75
CA LEU A 94 -16.43 20.75 12.45
C LEU A 94 -15.86 19.54 11.71
N MET A 95 -16.20 19.40 10.43
CA MET A 95 -15.65 18.31 9.62
C MET A 95 -14.76 18.89 8.54
N VAL A 96 -13.53 18.39 8.45
CA VAL A 96 -12.69 18.75 7.31
C VAL A 96 -12.61 17.58 6.34
N TYR A 97 -13.01 17.81 5.10
CA TYR A 97 -12.96 16.78 4.08
C TYR A 97 -11.50 16.56 3.70
N TRP A 98 -10.96 15.39 4.04
CA TRP A 98 -9.54 15.12 3.77
C TRP A 98 -9.36 14.62 2.35
N ALA A 99 -8.65 15.39 1.55
CA ALA A 99 -8.39 15.02 0.17
C ALA A 99 -7.34 15.97 -0.40
N GLY A 100 -6.98 15.76 -1.67
CA GLY A 100 -5.93 16.57 -2.32
C GLY A 100 -4.67 15.77 -2.54
N SER A 101 -4.08 15.91 -3.73
CA SER A 101 -2.82 15.27 -4.04
C SER A 101 -2.16 15.99 -5.20
N ALA A 102 -0.84 15.90 -5.29
CA ALA A 102 -0.14 16.53 -6.41
C ALA A 102 -0.58 15.89 -7.73
N GLY A 103 -0.90 14.61 -7.69
CA GLY A 103 -1.35 13.90 -8.91
C GLY A 103 -2.77 14.19 -9.39
N GLU A 104 -3.68 14.46 -8.47
CA GLU A 104 -5.10 14.59 -8.80
C GLU A 104 -5.61 16.02 -8.76
N GLY A 105 -5.07 16.83 -7.86
CA GLY A 105 -5.55 18.20 -7.71
C GLY A 105 -5.50 18.61 -6.26
N ILE A 106 -5.25 19.88 -6.01
CA ILE A 106 -4.98 20.33 -4.65
C ILE A 106 -6.09 21.14 -4.00
N ILE A 107 -7.10 21.51 -4.78
CA ILE A 107 -8.26 22.18 -4.24
C ILE A 107 -9.44 21.22 -4.38
N VAL A 108 -9.99 20.78 -3.25
CA VAL A 108 -11.01 19.72 -3.28
C VAL A 108 -12.21 20.08 -2.40
N PRO A 109 -13.37 20.30 -3.02
CA PRO A 109 -14.57 20.47 -2.23
C PRO A 109 -15.05 19.10 -1.72
N PRO A 110 -15.83 19.08 -0.63
CA PRO A 110 -16.40 17.81 -0.20
C PRO A 110 -17.47 17.39 -1.21
N SER A 111 -17.66 16.07 -1.37
CA SER A 111 -18.72 15.59 -2.24
C SER A 111 -20.12 15.86 -1.63
N ALA A 112 -21.12 16.01 -2.50
CA ALA A 112 -22.46 16.41 -2.12
C ALA A 112 -23.10 15.46 -1.11
N ASP A 113 -22.85 14.16 -1.27
CA ASP A 113 -23.44 13.17 -0.40
C ASP A 113 -22.97 13.37 1.05
N VAL A 114 -21.70 13.70 1.23
CA VAL A 114 -21.20 13.85 2.58
C VAL A 114 -21.49 15.25 3.11
N ILE A 115 -21.58 16.24 2.24
CA ILE A 115 -22.04 17.56 2.71
C ILE A 115 -23.45 17.40 3.32
N ASP A 116 -24.33 16.71 2.59
CA ASP A 116 -25.70 16.50 3.06
C ASP A 116 -25.71 15.80 4.42
N ALA A 117 -24.94 14.72 4.58
CA ALA A 117 -24.93 14.01 5.85
C ALA A 117 -24.46 14.93 6.98
N SER A 118 -23.39 15.68 6.72
CA SER A 118 -22.84 16.57 7.72
C SER A 118 -23.88 17.61 8.11
N HIS A 119 -24.49 18.24 7.11
CA HIS A 119 -25.49 19.27 7.31
C HIS A 119 -26.75 18.78 8.05
N ARG A 120 -27.18 17.56 7.76
CA ARG A 120 -28.34 17.01 8.48
C ARG A 120 -28.09 16.99 9.98
N ASN A 121 -26.83 16.86 10.34
CA ASN A 121 -26.41 16.77 11.74
C ASN A 121 -25.87 18.09 12.31
N GLY A 122 -26.03 19.15 11.54
CA GLY A 122 -25.65 20.49 12.02
C GLY A 122 -24.16 20.69 12.09
N VAL A 123 -23.41 19.90 11.33
CA VAL A 123 -21.94 19.99 11.34
C VAL A 123 -21.43 20.73 10.11
N PRO A 124 -20.73 21.86 10.31
CA PRO A 124 -20.16 22.55 9.16
C PRO A 124 -19.03 21.70 8.58
N ILE A 125 -18.93 21.69 7.26
CA ILE A 125 -17.93 20.89 6.57
C ILE A 125 -17.08 21.73 5.61
N LEU A 126 -15.78 21.55 5.69
CA LEU A 126 -14.85 22.36 4.90
C LEU A 126 -14.20 21.61 3.76
N GLY A 127 -13.98 22.29 2.65
CA GLY A 127 -13.17 21.74 1.57
C GLY A 127 -11.69 21.87 1.92
N ASN A 128 -10.83 21.32 1.06
CA ASN A 128 -9.41 21.23 1.35
C ASN A 128 -8.57 21.99 0.31
N VAL A 129 -7.62 22.79 0.79
CA VAL A 129 -6.60 23.35 -0.10
C VAL A 129 -5.28 22.81 0.40
N PHE A 130 -4.67 21.92 -0.36
CA PHE A 130 -3.52 21.17 0.10
C PHE A 130 -2.29 21.46 -0.76
N PHE A 131 -1.34 22.20 -0.20
CA PHE A 131 -0.04 22.39 -0.84
C PHE A 131 0.91 21.28 -0.37
N PRO A 132 1.18 20.29 -1.22
CA PRO A 132 1.85 19.10 -0.70
C PRO A 132 3.32 19.27 -0.44
N PRO A 133 3.89 18.39 0.42
CA PRO A 133 5.34 18.39 0.61
C PRO A 133 6.03 18.05 -0.71
N THR A 134 7.21 18.65 -0.92
CA THR A 134 7.91 18.47 -2.19
C THR A 134 8.12 16.98 -2.48
N VAL A 135 8.32 16.17 -1.44
CA VAL A 135 8.54 14.73 -1.63
C VAL A 135 7.35 14.02 -2.29
N TYR A 136 6.14 14.50 -2.05
CA TYR A 136 4.95 13.97 -2.69
C TYR A 136 4.45 14.88 -3.81
N GLY A 137 5.39 15.46 -4.55
CA GLY A 137 5.09 16.17 -5.77
C GLY A 137 4.66 17.61 -5.59
N GLY A 138 4.80 18.14 -4.38
CA GLY A 138 4.40 19.52 -4.11
C GLY A 138 5.23 20.49 -4.97
N GLN A 139 4.60 21.58 -5.41
CA GLN A 139 5.23 22.57 -6.27
C GLN A 139 4.97 23.98 -5.75
N LEU A 140 6.02 24.74 -5.55
CA LEU A 140 5.85 26.12 -5.09
C LEU A 140 5.02 26.90 -6.09
N GLU A 141 5.09 26.48 -7.36
CA GLU A 141 4.32 27.14 -8.39
C GLU A 141 2.84 27.23 -8.02
N TRP A 142 2.30 26.16 -7.45
CA TRP A 142 0.86 26.14 -7.12
C TRP A 142 0.52 27.15 -6.02
N LEU A 143 1.41 27.26 -5.05
CA LEU A 143 1.25 28.21 -3.97
C LEU A 143 1.23 29.63 -4.48
N GLU A 144 2.22 29.95 -5.31
CA GLU A 144 2.35 31.28 -5.91
C GLU A 144 1.13 31.63 -6.74
N GLN A 145 0.64 30.65 -7.48
CA GLN A 145 -0.60 30.82 -8.26
C GLN A 145 -1.80 31.20 -7.39
N MET A 146 -1.99 30.47 -6.29
CA MET A 146 -3.09 30.78 -5.39
C MET A 146 -2.96 32.17 -4.77
N LEU A 147 -1.73 32.64 -4.56
CA LEU A 147 -1.51 33.91 -3.87
C LEU A 147 -1.43 35.12 -4.80
N GLU A 148 -1.74 34.93 -6.08
CA GLU A 148 -1.73 36.05 -7.02
C GLU A 148 -2.71 37.14 -6.59
N GLN A 149 -2.24 38.38 -6.64
CA GLN A 149 -3.09 39.49 -6.20
C GLN A 149 -3.23 40.55 -7.30
N GLU A 150 -4.46 40.95 -7.59
CA GLU A 150 -4.72 42.03 -8.55
C GLU A 150 -4.27 43.39 -8.00
N GLU A 151 -4.41 44.43 -8.83
CA GLU A 151 -4.14 45.81 -8.41
C GLU A 151 -5.22 46.24 -7.41
N ASP A 152 -6.32 45.48 -7.41
CA ASP A 152 -7.48 45.60 -6.50
C ASP A 152 -7.33 45.89 -4.99
N GLY A 153 -6.41 45.29 -4.23
CA GLY A 153 -5.69 44.04 -4.54
C GLY A 153 -6.49 42.85 -4.01
N SER A 154 -7.41 42.39 -4.83
CA SER A 154 -8.20 41.21 -4.52
C SER A 154 -7.32 40.01 -4.84
N PHE A 155 -7.70 38.84 -4.33
CA PHE A 155 -7.02 37.60 -4.70
C PHE A 155 -8.01 36.77 -5.49
N PRO A 156 -7.82 36.67 -6.82
CA PRO A 156 -8.84 36.02 -7.65
C PRO A 156 -9.08 34.56 -7.30
N LEU A 157 -8.03 33.87 -6.83
CA LEU A 157 -8.19 32.47 -6.44
C LEU A 157 -8.92 32.28 -5.12
N ALA A 158 -8.80 33.26 -4.22
CA ALA A 158 -9.63 33.32 -3.03
C ALA A 158 -11.08 33.55 -3.45
N ASP A 159 -11.27 34.43 -4.43
CA ASP A 159 -12.63 34.69 -4.88
C ASP A 159 -13.26 33.37 -5.32
N LYS A 160 -12.49 32.59 -6.07
CA LYS A 160 -12.98 31.34 -6.59
C LYS A 160 -13.29 30.36 -5.46
N LEU A 161 -12.44 30.30 -4.44
CA LEU A 161 -12.73 29.43 -3.28
C LEU A 161 -14.09 29.78 -2.68
N LEU A 162 -14.37 31.08 -2.56
CA LEU A 162 -15.66 31.48 -2.00
C LEU A 162 -16.81 31.15 -2.95
N GLU A 163 -16.60 31.36 -4.25
CA GLU A 163 -17.63 30.99 -5.23
C GLU A 163 -17.98 29.50 -5.24
N VAL A 164 -16.94 28.66 -5.12
CA VAL A 164 -17.11 27.20 -5.08
C VAL A 164 -17.89 26.80 -3.83
N ALA A 165 -17.51 27.34 -2.68
CA ALA A 165 -18.24 27.04 -1.45
C ALA A 165 -19.69 27.47 -1.52
N ASP A 166 -19.94 28.63 -2.12
CA ASP A 166 -21.31 29.16 -2.23
C ASP A 166 -22.16 28.29 -3.14
N TYR A 167 -21.63 27.98 -4.31
CA TYR A 167 -22.37 27.22 -5.30
C TYR A 167 -22.64 25.78 -4.84
N TYR A 168 -21.61 25.09 -4.36
CA TYR A 168 -21.78 23.70 -3.93
C TYR A 168 -22.47 23.58 -2.57
N GLY A 169 -22.35 24.62 -1.74
CA GLY A 169 -23.07 24.69 -0.46
C GLY A 169 -22.33 24.03 0.69
N PHE A 170 -21.09 24.43 0.90
CA PHE A 170 -20.38 24.00 2.11
C PHE A 170 -19.78 25.21 2.83
N ASP A 171 -19.06 24.97 3.92
CA ASP A 171 -18.98 25.96 4.98
C ASP A 171 -17.65 26.61 5.18
N GLY A 172 -16.75 26.38 4.23
CA GLY A 172 -15.44 27.02 4.25
C GLY A 172 -14.32 26.12 3.79
N TRP A 173 -13.11 26.45 4.24
CA TRP A 173 -11.91 25.82 3.73
C TRP A 173 -10.87 25.59 4.79
N PHE A 174 -10.15 24.49 4.61
CA PHE A 174 -9.01 24.10 5.42
C PHE A 174 -7.81 24.30 4.52
N ILE A 175 -6.91 25.17 4.95
CA ILE A 175 -5.73 25.56 4.18
C ILE A 175 -4.49 24.94 4.81
N ASN A 176 -3.80 24.10 4.05
CA ASN A 176 -2.71 23.27 4.58
C ASN A 176 -1.46 23.46 3.72
N GLN A 177 -0.54 24.30 4.20
CA GLN A 177 0.63 24.69 3.41
C GLN A 177 1.83 23.83 3.81
N GLN A 178 2.10 22.78 3.05
CA GLN A 178 3.16 21.83 3.40
C GLN A 178 4.33 21.85 2.43
N THR A 179 4.32 22.80 1.49
CA THR A 179 5.39 22.88 0.49
C THR A 179 6.59 23.70 0.98
N GLU A 180 7.77 23.09 0.89
CA GLU A 180 9.00 23.68 1.40
C GLU A 180 9.54 24.72 0.41
N GLY A 181 10.42 25.60 0.90
CA GLY A 181 11.09 26.58 0.04
C GLY A 181 10.44 27.94 -0.05
N ALA A 182 9.31 28.13 0.62
CA ALA A 182 8.65 29.42 0.57
C ALA A 182 9.49 30.47 1.29
N ASP A 183 9.58 31.66 0.70
CA ASP A 183 10.38 32.74 1.29
C ASP A 183 9.47 33.66 2.11
N GLU A 184 10.04 34.64 2.79
CA GLU A 184 9.23 35.53 3.63
C GLU A 184 8.18 36.32 2.87
N GLY A 185 8.48 36.67 1.61
CA GLY A 185 7.50 37.36 0.81
C GLY A 185 6.26 36.50 0.63
N THR A 186 6.48 35.20 0.46
CA THR A 186 5.39 34.25 0.25
C THR A 186 4.59 34.08 1.54
N ALA A 187 5.28 34.02 2.67
CA ALA A 187 4.63 34.04 3.97
C ALA A 187 3.70 35.22 4.11
N GLU A 188 4.16 36.43 3.78
CA GLU A 188 3.34 37.62 3.91
C GLU A 188 2.13 37.60 2.98
N ALA A 189 2.33 37.09 1.77
CA ALA A 189 1.27 37.01 0.78
C ALA A 189 0.19 36.04 1.29
N MET A 190 0.62 34.93 1.88
CA MET A 190 -0.36 33.99 2.47
C MET A 190 -1.20 34.64 3.58
N GLN A 191 -0.56 35.42 4.45
CA GLN A 191 -1.30 36.11 5.49
C GLN A 191 -2.33 37.07 4.86
N ALA A 192 -1.93 37.73 3.79
CA ALA A 192 -2.82 38.68 3.09
C ALA A 192 -4.01 37.96 2.45
N PHE A 193 -3.72 36.81 1.89
CA PHE A 193 -4.71 35.94 1.28
C PHE A 193 -5.73 35.49 2.31
N LEU A 194 -5.24 35.02 3.46
CA LEU A 194 -6.14 34.66 4.57
C LEU A 194 -6.98 35.84 5.07
N VAL A 195 -6.35 37.00 5.22
CA VAL A 195 -7.08 38.17 5.69
C VAL A 195 -8.17 38.57 4.68
N TYR A 196 -7.84 38.44 3.40
CA TYR A 196 -8.80 38.74 2.34
C TYR A 196 -10.02 37.82 2.46
N LEU A 197 -9.77 36.54 2.70
CA LEU A 197 -10.88 35.62 2.95
C LEU A 197 -11.74 36.06 4.11
N GLN A 198 -11.12 36.46 5.21
CA GLN A 198 -11.87 36.92 6.36
C GLN A 198 -12.77 38.10 5.98
N GLU A 199 -12.26 38.97 5.12
CA GLU A 199 -12.99 40.18 4.79
C GLU A 199 -14.16 39.93 3.85
N GLN A 200 -14.02 38.92 3.01
CA GLN A 200 -14.92 38.68 1.89
C GLN A 200 -15.90 37.54 2.13
N LYS A 201 -15.53 36.61 3.00
CA LYS A 201 -16.38 35.43 3.21
C LYS A 201 -17.72 35.76 3.85
N PRO A 202 -18.72 34.92 3.58
CA PRO A 202 -19.98 35.15 4.27
C PRO A 202 -19.82 34.91 5.77
N GLU A 203 -20.68 35.56 6.56
CA GLU A 203 -20.74 35.34 7.98
C GLU A 203 -21.09 33.85 8.17
N GLY A 204 -20.47 33.23 9.14
CA GLY A 204 -20.67 31.81 9.35
C GLY A 204 -19.63 30.94 8.66
N MET A 205 -18.98 31.44 7.62
CA MET A 205 -17.93 30.64 6.94
C MET A 205 -16.68 30.52 7.81
N HIS A 206 -16.04 29.36 7.76
CA HIS A 206 -14.91 29.08 8.65
C HIS A 206 -13.69 28.79 7.81
N ILE A 207 -12.58 29.46 8.11
CA ILE A 207 -11.30 29.13 7.48
C ILE A 207 -10.33 28.59 8.53
N MET A 208 -9.87 27.35 8.34
CA MET A 208 -8.93 26.72 9.28
C MET A 208 -7.55 26.63 8.65
N TRP A 209 -6.52 26.97 9.43
CA TRP A 209 -5.15 26.97 8.94
C TRP A 209 -4.33 25.88 9.64
N TYR A 210 -3.51 25.16 8.89
CA TYR A 210 -2.62 24.15 9.51
C TYR A 210 -1.31 24.78 10.01
N ASP A 211 -0.96 24.46 11.26
CA ASP A 211 0.32 24.82 11.89
C ASP A 211 1.50 24.21 11.12
N SER A 212 2.03 24.94 10.14
CA SER A 212 3.11 24.43 9.31
C SER A 212 4.04 25.59 8.96
N MET A 213 3.65 26.35 7.95
CA MET A 213 4.49 27.44 7.46
C MET A 213 4.54 28.59 8.47
N ILE A 214 5.75 28.97 8.90
CA ILE A 214 5.89 30.03 9.90
C ILE A 214 6.11 31.40 9.25
N ASP A 215 6.37 32.42 10.07
CA ASP A 215 6.53 33.80 9.56
C ASP A 215 7.62 33.99 8.49
N THR A 216 8.65 33.15 8.52
CA THR A 216 9.76 33.25 7.58
C THR A 216 9.46 32.55 6.26
N GLY A 217 8.34 31.81 6.21
CA GLY A 217 8.03 31.00 5.05
C GLY A 217 8.47 29.54 5.17
N ALA A 218 9.35 29.26 6.13
CA ALA A 218 9.86 27.90 6.30
C ALA A 218 8.72 27.01 6.80
N ILE A 219 8.73 25.74 6.43
CA ILE A 219 7.83 24.78 7.09
C ILE A 219 8.48 24.40 8.43
N ALA A 220 7.90 24.88 9.53
CA ALA A 220 8.40 24.54 10.86
C ALA A 220 7.24 24.36 11.83
N TRP A 221 6.64 23.17 11.78
CA TRP A 221 5.50 22.87 12.62
C TRP A 221 5.85 23.16 14.07
N GLN A 222 4.98 23.91 14.73
CA GLN A 222 5.23 24.37 16.08
C GLN A 222 4.64 23.45 17.14
N ASN A 223 3.57 22.75 16.78
CA ASN A 223 2.83 21.87 17.71
C ASN A 223 2.11 22.64 18.83
N HIS A 224 2.13 23.97 18.73
CA HIS A 224 1.49 24.90 19.68
C HIS A 224 1.20 26.16 18.91
N LEU A 225 0.37 27.02 19.47
CA LEU A 225 0.31 28.40 19.01
C LEU A 225 1.54 29.08 19.59
N THR A 226 2.36 29.67 18.74
CA THR A 226 3.59 30.34 19.21
C THR A 226 3.82 31.67 18.49
N ASP A 227 4.83 32.40 18.92
CA ASP A 227 5.22 33.61 18.21
C ASP A 227 5.57 33.40 16.75
N ARG A 228 5.94 32.19 16.38
CA ARG A 228 6.34 31.92 15.00
C ARG A 228 5.14 31.67 14.07
N ASN A 229 3.98 31.33 14.62
CA ASN A 229 2.82 31.07 13.77
C ASN A 229 1.54 31.88 14.09
N LYS A 230 1.57 32.67 15.16
CA LYS A 230 0.37 33.35 15.60
C LYS A 230 -0.20 34.36 14.59
N MET A 231 0.62 34.82 13.66
CA MET A 231 0.21 35.82 12.65
C MET A 231 -0.65 35.18 11.55
N TYR A 232 -0.76 33.85 11.56
CA TYR A 232 -1.71 33.15 10.69
C TYR A 232 -3.07 32.97 11.37
N LEU A 233 -3.17 33.40 12.62
CA LEU A 233 -4.44 33.36 13.33
C LEU A 233 -4.99 34.76 13.62
N GLN A 234 -4.18 35.59 14.27
CA GLN A 234 -4.61 36.92 14.67
C GLN A 234 -3.38 37.82 14.66
N ASN A 235 -3.48 38.97 14.00
CA ASN A 235 -2.38 39.92 13.96
C ASN A 235 -2.87 41.26 14.53
N GLY A 236 -2.57 41.49 15.81
CA GLY A 236 -3.15 42.63 16.51
C GLY A 236 -4.67 42.59 16.42
N SER A 237 -5.26 43.63 15.82
CA SER A 237 -6.72 43.70 15.72
C SER A 237 -7.22 43.00 14.46
N THR A 238 -6.31 42.46 13.66
CA THR A 238 -6.70 41.85 12.41
C THR A 238 -6.90 40.33 12.55
N ARG A 239 -8.11 39.90 12.26
CA ARG A 239 -8.39 38.46 12.24
C ARG A 239 -7.83 37.85 10.97
N VAL A 240 -7.01 36.80 11.11
CA VAL A 240 -6.35 36.19 9.96
C VAL A 240 -7.02 34.85 9.59
N ALA A 241 -7.40 34.08 10.61
CA ALA A 241 -8.09 32.80 10.42
C ALA A 241 -9.06 32.52 11.57
N ASP A 242 -10.00 31.62 11.32
CA ASP A 242 -10.98 31.28 12.31
C ASP A 242 -10.44 30.28 13.31
N SER A 243 -9.45 29.51 12.89
CA SER A 243 -8.86 28.47 13.76
C SER A 243 -7.49 28.04 13.26
N MET A 244 -6.76 27.36 14.16
CA MET A 244 -5.53 26.72 13.76
C MET A 244 -5.55 25.25 14.20
N PHE A 245 -5.16 24.36 13.30
CA PHE A 245 -4.97 22.94 13.65
C PHE A 245 -3.51 22.81 14.05
N LEU A 246 -3.27 22.45 15.30
CA LEU A 246 -1.88 22.31 15.82
C LEU A 246 -1.25 20.97 15.44
N ASN A 247 0.01 20.99 15.00
CA ASN A 247 0.70 19.74 14.66
C ASN A 247 0.87 18.79 15.87
N PHE A 248 1.20 17.52 15.61
CA PHE A 248 0.98 16.44 16.58
C PHE A 248 1.96 16.30 17.73
N TRP A 249 3.13 16.95 17.59
N TRP A 249 3.11 16.98 17.63
CA TRP A 249 4.22 16.70 18.52
CA TRP A 249 4.19 16.62 18.53
C TRP A 249 4.15 17.62 19.73
C TRP A 249 4.24 17.47 19.79
N TRP A 250 3.22 17.30 20.62
CA TRP A 250 3.06 18.07 21.84
C TRP A 250 2.78 17.13 23.00
N ARG A 251 3.08 17.61 24.20
CA ARG A 251 2.70 16.88 25.40
C ARG A 251 1.87 17.77 26.33
N ASP A 252 1.91 19.08 26.09
CA ASP A 252 1.12 19.97 26.89
C ASP A 252 0.69 21.19 26.08
N GLN A 253 -0.55 21.64 26.27
CA GLN A 253 -1.06 22.80 25.51
C GLN A 253 -1.32 24.01 26.37
N ARG A 254 -0.83 24.01 27.62
CA ARG A 254 -1.07 25.19 28.46
C ARG A 254 -0.55 26.46 27.78
N GLN A 255 0.59 26.35 27.11
CA GLN A 255 1.23 27.55 26.54
C GLN A 255 0.40 28.14 25.41
N SER A 256 -0.25 27.27 24.65
CA SER A 256 -1.17 27.71 23.60
C SER A 256 -2.40 28.43 24.17
N ASN A 257 -2.98 27.87 25.24
CA ASN A 257 -4.07 28.52 25.92
C ASN A 257 -3.67 29.93 26.33
N GLU A 258 -2.50 30.05 26.94
CA GLU A 258 -2.08 31.35 27.44
C GLU A 258 -1.87 32.37 26.31
N LEU A 259 -1.24 31.94 25.22
CA LEU A 259 -0.96 32.86 24.11
C LEU A 259 -2.27 33.26 23.44
N ALA A 260 -3.15 32.28 23.23
CA ALA A 260 -4.48 32.60 22.71
C ALA A 260 -5.18 33.71 23.50
N GLN A 261 -5.24 33.57 24.83
CA GLN A 261 -5.84 34.59 25.67
C GLN A 261 -5.14 35.95 25.53
N ALA A 262 -3.81 35.92 25.44
CA ALA A 262 -3.01 37.14 25.25
C ALA A 262 -3.36 37.86 23.96
N LEU A 263 -3.75 37.10 22.93
CA LEU A 263 -4.12 37.67 21.65
C LEU A 263 -5.59 38.07 21.58
N GLY A 264 -6.35 37.76 22.62
CA GLY A 264 -7.79 38.07 22.67
C GLY A 264 -8.60 37.08 21.85
N ARG A 265 -8.04 35.89 21.65
CA ARG A 265 -8.74 34.83 20.91
C ARG A 265 -9.11 33.69 21.84
N SER A 266 -10.20 33.01 21.53
CA SER A 266 -10.58 31.84 22.30
C SER A 266 -9.54 30.74 22.13
N PRO A 267 -9.09 30.13 23.25
CA PRO A 267 -8.18 28.98 23.15
C PRO A 267 -8.84 27.83 22.39
N TYR A 268 -10.17 27.86 22.28
CA TYR A 268 -10.90 26.75 21.66
C TYR A 268 -10.97 26.89 20.14
N ASP A 269 -10.36 27.96 19.62
CA ASP A 269 -10.12 28.09 18.19
C ASP A 269 -8.82 27.37 17.78
N LEU A 270 -8.11 26.82 18.76
CA LEU A 270 -6.93 26.03 18.48
C LEU A 270 -7.29 24.57 18.64
N TYR A 271 -6.97 23.75 17.63
CA TYR A 271 -7.35 22.35 17.67
C TYR A 271 -6.09 21.50 17.73
N ALA A 272 -5.80 20.98 18.92
CA ALA A 272 -4.56 20.23 19.14
C ALA A 272 -4.63 18.88 18.44
N GLY A 273 -3.70 18.65 17.52
CA GLY A 273 -3.78 17.52 16.63
C GLY A 273 -3.40 16.20 17.27
N VAL A 274 -4.15 15.15 16.95
CA VAL A 274 -3.77 13.79 17.31
C VAL A 274 -3.85 12.94 16.05
N ASP A 275 -2.74 12.26 15.71
CA ASP A 275 -2.68 11.48 14.47
C ASP A 275 -3.08 10.02 14.76
N VAL A 276 -4.30 9.65 14.35
CA VAL A 276 -4.87 8.34 14.69
C VAL A 276 -4.93 7.43 13.47
N GLU A 277 -4.33 7.88 12.37
CA GLU A 277 -4.43 7.19 11.08
C GLU A 277 -4.05 5.73 11.14
N ALA A 278 -2.87 5.45 11.72
CA ALA A 278 -2.31 4.10 11.70
C ALA A 278 -2.89 3.18 12.77
N ARG A 279 -3.11 3.71 13.97
N ARG A 279 -3.07 3.69 13.98
CA ARG A 279 -3.37 2.86 15.12
CA ARG A 279 -3.40 2.80 15.08
C ARG A 279 -4.74 3.09 15.75
C ARG A 279 -4.65 3.19 15.89
N GLY A 280 -5.37 4.20 15.41
CA GLY A 280 -6.72 4.49 15.93
C GLY A 280 -6.68 4.57 17.45
N THR A 281 -7.44 3.72 18.12
CA THR A 281 -7.56 3.75 19.58
C THR A 281 -6.28 3.34 20.32
N SER A 282 -5.31 2.79 19.60
CA SER A 282 -3.99 2.47 20.17
C SER A 282 -2.96 3.58 19.98
N THR A 283 -3.42 4.75 19.55
CA THR A 283 -2.59 5.92 19.44
C THR A 283 -2.31 6.46 20.83
N PRO A 284 -1.02 6.49 21.21
CA PRO A 284 -0.74 7.08 22.51
C PRO A 284 -0.94 8.59 22.51
N VAL A 285 -1.62 9.09 23.54
CA VAL A 285 -1.92 10.52 23.68
C VAL A 285 -1.76 10.91 25.15
N GLN A 286 -1.08 12.00 25.42
N GLN A 286 -1.13 12.05 25.34
CA GLN A 286 -0.99 12.47 26.80
CA GLN A 286 -0.98 12.70 26.62
C GLN A 286 -2.18 13.38 27.06
C GLN A 286 -2.25 13.46 26.92
N TRP A 287 -3.35 12.76 27.22
CA TRP A 287 -4.63 13.47 27.39
C TRP A 287 -4.61 14.58 28.42
N GLU A 288 -3.89 14.40 29.51
CA GLU A 288 -3.82 15.40 30.57
C GLU A 288 -3.20 16.71 30.10
N GLY A 289 -2.37 16.64 29.06
CA GLY A 289 -1.74 17.82 28.47
C GLY A 289 -2.72 18.68 27.69
N LEU A 290 -3.89 18.10 27.40
CA LEU A 290 -4.95 18.82 26.72
C LEU A 290 -6.12 19.07 27.68
N PHE A 291 -6.42 18.07 28.49
CA PHE A 291 -7.53 18.15 29.44
C PHE A 291 -6.99 18.03 30.85
N PRO A 292 -6.42 19.12 31.39
CA PRO A 292 -5.82 19.08 32.73
C PRO A 292 -6.84 18.74 33.80
N GLU A 293 -6.38 18.03 34.84
CA GLU A 293 -7.22 17.67 35.98
C GLU A 293 -7.70 18.92 36.67
N GLY A 294 -9.02 19.06 36.75
CA GLY A 294 -9.63 20.12 37.53
C GLY A 294 -9.53 21.52 36.97
N GLU A 295 -9.17 21.63 35.69
CA GLU A 295 -9.12 22.93 35.04
C GLU A 295 -9.88 22.83 33.73
N LYS A 296 -10.18 23.96 33.11
CA LYS A 296 -10.78 23.94 31.77
C LYS A 296 -9.82 23.25 30.79
N ALA A 297 -10.37 22.63 29.75
CA ALA A 297 -9.54 22.10 28.67
C ALA A 297 -8.62 23.24 28.19
N HIS A 298 -7.37 22.93 27.82
CA HIS A 298 -6.47 24.00 27.37
C HIS A 298 -6.87 24.54 26.00
N THR A 299 -7.23 23.62 25.11
CA THR A 299 -7.60 23.99 23.75
C THR A 299 -8.67 23.02 23.25
N SER A 300 -9.06 23.15 22.00
CA SER A 300 -9.91 22.16 21.38
C SER A 300 -9.09 20.95 20.90
N LEU A 301 -9.76 19.94 20.36
CA LEU A 301 -9.12 18.70 19.89
C LEU A 301 -9.27 18.53 18.38
N GLY A 302 -8.20 18.15 17.69
CA GLY A 302 -8.23 17.87 16.24
C GLY A 302 -7.86 16.43 15.98
N LEU A 303 -8.75 15.65 15.37
CA LEU A 303 -8.49 14.23 15.11
C LEU A 303 -8.05 14.09 13.65
N TYR A 304 -6.83 13.64 13.42
CA TYR A 304 -6.34 13.48 12.06
C TYR A 304 -6.56 12.01 11.65
N ARG A 305 -7.52 11.80 10.76
CA ARG A 305 -7.84 10.50 10.15
C ARG A 305 -8.52 9.44 11.03
N PRO A 306 -9.61 9.81 11.72
CA PRO A 306 -10.38 8.77 12.42
C PRO A 306 -11.02 7.79 11.42
N ASP A 307 -11.01 8.14 10.14
CA ASP A 307 -11.39 7.16 9.10
C ASP A 307 -10.51 5.89 9.12
N TRP A 308 -9.46 5.90 9.92
CA TRP A 308 -8.85 4.62 10.38
C TRP A 308 -9.85 3.48 10.61
N ALA A 309 -11.01 3.80 11.21
CA ALA A 309 -12.01 2.75 11.47
C ALA A 309 -12.47 2.07 10.19
N PHE A 310 -12.54 2.85 9.12
CA PHE A 310 -12.96 2.33 7.80
C PHE A 310 -11.79 1.70 7.04
N GLN A 311 -10.67 2.40 6.98
CA GLN A 311 -9.54 1.89 6.18
C GLN A 311 -8.94 0.63 6.77
N SER A 312 -9.02 0.47 8.08
CA SER A 312 -8.36 -0.67 8.72
C SER A 312 -9.32 -1.86 8.85
N SER A 313 -10.52 -1.71 8.29
CA SER A 313 -11.53 -2.76 8.32
C SER A 313 -11.96 -3.18 6.91
N GLU A 314 -12.63 -4.33 6.84
CA GLU A 314 -13.07 -4.86 5.56
C GLU A 314 -14.57 -5.12 5.48
N THR A 315 -15.25 -5.07 6.63
CA THR A 315 -16.70 -5.27 6.64
C THR A 315 -17.37 -4.10 7.33
N MET A 316 -18.61 -3.82 6.92
CA MET A 316 -19.41 -2.79 7.56
C MET A 316 -19.53 -3.01 9.07
N GLU A 317 -19.76 -4.28 9.47
CA GLU A 317 -19.80 -4.59 10.89
C GLU A 317 -18.55 -4.23 11.67
N ALA A 318 -17.37 -4.57 11.15
CA ALA A 318 -16.13 -4.34 11.87
C ALA A 318 -15.85 -2.83 11.92
N PHE A 319 -16.18 -2.16 10.82
CA PHE A 319 -16.03 -0.69 10.73
C PHE A 319 -16.89 0.00 11.78
N TYR A 320 -18.17 -0.36 11.86
CA TYR A 320 -19.04 0.24 12.87
C TYR A 320 -18.61 -0.07 14.30
N GLU A 321 -18.13 -1.29 14.53
CA GLU A 321 -17.62 -1.62 15.85
C GLU A 321 -16.41 -0.77 16.21
N LYS A 322 -15.50 -0.56 15.27
CA LYS A 322 -14.34 0.26 15.55
C LYS A 322 -14.70 1.71 15.81
N GLU A 323 -15.67 2.25 15.06
CA GLU A 323 -16.05 3.63 15.29
C GLU A 323 -16.63 3.75 16.69
N LEU A 324 -17.42 2.75 17.13
CA LEU A 324 -17.93 2.80 18.50
C LEU A 324 -16.79 2.79 19.52
N GLN A 325 -15.81 1.90 19.34
CA GLN A 325 -14.67 1.85 20.26
C GLN A 325 -13.90 3.17 20.28
N PHE A 326 -13.85 3.85 19.13
CA PHE A 326 -13.10 5.08 19.01
C PHE A 326 -13.84 6.25 19.63
N TRP A 327 -15.12 6.39 19.30
CA TRP A 327 -15.83 7.61 19.67
C TRP A 327 -16.46 7.50 21.07
N VAL A 328 -16.93 6.31 21.42
CA VAL A 328 -17.52 6.07 22.74
C VAL A 328 -16.53 5.45 23.75
N GLY A 329 -15.67 4.57 23.27
CA GLY A 329 -14.65 3.96 24.14
C GLY A 329 -14.99 2.53 24.48
N SER A 330 -14.10 1.84 25.18
CA SER A 330 -14.23 0.38 25.37
C SER A 330 -15.35 -0.05 26.32
N THR A 331 -15.92 0.90 27.09
CA THR A 331 -17.08 0.54 27.93
C THR A 331 -18.35 0.37 27.10
N GLY A 332 -18.39 0.99 25.93
CA GLY A 332 -19.54 0.89 25.03
C GLY A 332 -20.76 1.64 25.54
N ASN A 333 -20.54 2.52 26.51
CA ASN A 333 -21.62 3.29 27.11
C ASN A 333 -21.12 4.70 27.27
N PRO A 334 -21.71 5.66 26.54
CA PRO A 334 -21.11 7.00 26.62
C PRO A 334 -21.37 7.72 27.92
N ALA A 335 -22.26 7.18 28.76
CA ALA A 335 -22.53 7.75 30.08
C ALA A 335 -21.54 7.27 31.12
N GLU A 336 -20.81 6.22 30.81
CA GLU A 336 -19.96 5.57 31.80
C GLU A 336 -18.58 5.25 31.20
N THR A 337 -17.70 6.24 31.26
CA THR A 337 -16.39 6.12 30.60
C THR A 337 -15.30 5.94 31.63
N ASP A 338 -14.17 5.40 31.19
CA ASP A 338 -13.06 5.05 32.10
C ASP A 338 -11.91 6.01 31.90
N GLY A 339 -11.79 6.97 32.82
CA GLY A 339 -10.76 8.00 32.74
C GLY A 339 -9.35 7.47 32.89
N GLN A 340 -9.19 6.22 33.30
CA GLN A 340 -7.84 5.66 33.43
C GLN A 340 -7.36 4.95 32.18
N SER A 341 -8.26 4.72 31.23
CA SER A 341 -7.92 4.05 29.97
C SER A 341 -6.95 4.91 29.15
N ASN A 342 -6.08 4.26 28.40
CA ASN A 342 -5.28 4.96 27.38
C ASN A 342 -6.18 5.62 26.34
N TRP A 343 -7.37 5.06 26.13
CA TRP A 343 -8.35 5.64 25.20
C TRP A 343 -9.74 5.77 25.86
N PRO A 344 -9.96 6.84 26.66
CA PRO A 344 -11.25 6.94 27.36
C PRO A 344 -12.45 7.06 26.41
N GLY A 345 -12.20 7.52 25.19
CA GLY A 345 -13.29 7.74 24.21
C GLY A 345 -13.66 9.20 24.11
N MET A 346 -14.14 9.64 22.95
CA MET A 346 -14.51 11.06 22.80
C MET A 346 -15.65 11.45 23.72
N ALA A 347 -16.53 10.50 24.04
CA ALA A 347 -17.65 10.78 24.91
C ALA A 347 -17.22 11.18 26.32
N HIS A 348 -15.99 10.83 26.68
CA HIS A 348 -15.44 11.19 27.99
C HIS A 348 -15.24 12.70 28.12
N TRP A 349 -15.05 13.41 27.01
CA TRP A 349 -14.81 14.86 27.04
C TRP A 349 -15.87 15.72 26.36
N PHE A 350 -16.57 15.15 25.38
CA PHE A 350 -17.48 15.95 24.55
C PHE A 350 -18.89 15.45 24.67
N PRO A 351 -19.82 16.37 25.00
CA PRO A 351 -21.23 16.02 25.01
C PRO A 351 -21.64 15.64 23.59
N ALA A 352 -22.57 14.69 23.47
CA ALA A 352 -23.15 14.36 22.17
C ALA A 352 -24.18 15.44 21.83
N LYS A 353 -24.19 15.88 20.58
CA LYS A 353 -25.15 16.89 20.13
C LYS A 353 -26.17 16.25 19.17
N SER A 354 -27.33 16.86 19.03
CA SER A 354 -28.44 16.31 18.23
C SER A 354 -29.19 17.37 17.43
N THR A 355 -29.57 17.02 16.20
CA THR A 355 -30.42 17.91 15.43
C THR A 355 -31.88 17.47 15.39
N ALA A 356 -32.26 16.59 16.33
CA ALA A 356 -33.66 16.18 16.48
C ALA A 356 -34.36 17.29 17.24
N THR A 357 -34.46 18.45 16.60
CA THR A 357 -34.92 19.66 17.29
C THR A 357 -36.09 20.35 16.57
N SER A 358 -36.63 19.70 15.53
CA SER A 358 -37.78 20.23 14.78
C SER A 358 -38.75 19.13 14.47
N VAL A 359 -40.06 19.44 14.54
CA VAL A 359 -41.10 18.48 14.22
C VAL A 359 -41.53 18.74 12.77
N PRO A 360 -41.64 17.69 11.95
CA PRO A 360 -41.52 16.27 12.25
C PRO A 360 -40.06 15.85 12.33
N PHE A 361 -39.76 15.03 13.34
CA PHE A 361 -38.49 14.36 13.40
C PHE A 361 -38.72 12.92 12.94
N VAL A 362 -37.98 12.52 11.92
CA VAL A 362 -38.21 11.21 11.29
C VAL A 362 -36.88 10.50 11.08
N THR A 363 -36.79 9.22 11.47
CA THR A 363 -35.61 8.43 11.20
C THR A 363 -36.00 7.01 10.81
N HIS A 364 -35.24 6.44 9.87
CA HIS A 364 -35.38 5.04 9.49
C HIS A 364 -34.08 4.29 9.73
N PHE A 365 -33.19 4.88 10.51
CA PHE A 365 -31.95 4.24 10.93
C PHE A 365 -31.15 3.85 9.67
N ASN A 366 -31.28 4.68 8.66
CA ASN A 366 -30.51 4.52 7.42
C ASN A 366 -29.06 4.96 7.66
N THR A 367 -28.11 4.06 7.49
CA THR A 367 -26.70 4.39 7.79
C THR A 367 -25.99 4.98 6.57
N GLY A 368 -26.69 5.06 5.43
CA GLY A 368 -26.14 5.70 4.23
C GLY A 368 -25.60 4.68 3.23
N SER A 369 -25.71 3.39 3.53
CA SER A 369 -25.40 2.36 2.53
C SER A 369 -26.12 1.08 2.87
N GLY A 370 -26.15 0.14 1.93
CA GLY A 370 -26.74 -1.16 2.23
C GLY A 370 -26.36 -2.22 1.21
N ALA A 371 -26.66 -3.47 1.56
CA ALA A 371 -26.48 -4.61 0.65
C ALA A 371 -27.65 -4.72 -0.30
N GLN A 372 -28.80 -4.20 0.12
N GLN A 372 -28.80 -4.19 0.08
CA GLN A 372 -30.02 -4.17 -0.67
CA GLN A 372 -29.90 -4.01 -0.85
C GLN A 372 -30.83 -2.93 -0.29
C GLN A 372 -30.71 -2.81 -0.43
N PHE A 373 -31.83 -2.57 -1.11
CA PHE A 373 -32.65 -1.42 -0.78
C PHE A 373 -34.11 -1.86 -0.65
N SER A 374 -34.76 -1.47 0.45
CA SER A 374 -36.16 -1.85 0.71
C SER A 374 -37.08 -0.64 0.76
N ALA A 375 -38.34 -0.85 0.37
CA ALA A 375 -39.40 0.15 0.55
C ALA A 375 -40.55 -0.56 1.26
N GLU A 376 -41.01 0.01 2.37
CA GLU A 376 -42.04 -0.63 3.17
C GLU A 376 -41.73 -2.08 3.49
N GLY A 377 -40.45 -2.38 3.72
CA GLY A 377 -40.07 -3.72 4.16
C GLY A 377 -39.94 -4.73 3.03
N LYS A 378 -40.09 -4.29 1.80
CA LYS A 378 -39.86 -5.20 0.67
C LYS A 378 -38.70 -4.72 -0.19
N THR A 379 -37.88 -5.67 -0.61
CA THR A 379 -36.73 -5.35 -1.46
C THR A 379 -37.18 -4.76 -2.79
N VAL A 380 -36.64 -3.59 -3.15
CA VAL A 380 -36.91 -3.01 -4.45
C VAL A 380 -35.64 -2.95 -5.30
N SER A 381 -34.50 -3.21 -4.66
CA SER A 381 -33.23 -3.40 -5.37
C SER A 381 -32.39 -4.44 -4.65
N GLU A 382 -31.89 -5.41 -5.42
CA GLU A 382 -30.99 -6.42 -4.87
C GLU A 382 -29.52 -5.98 -4.85
N GLN A 383 -29.25 -4.78 -5.34
CA GLN A 383 -27.87 -4.32 -5.53
C GLN A 383 -27.35 -3.57 -4.32
N GLU A 384 -26.07 -3.78 -4.00
CA GLU A 384 -25.37 -2.92 -3.04
C GLU A 384 -25.50 -1.47 -3.46
N TRP A 385 -25.53 -0.56 -2.47
CA TRP A 385 -25.67 0.87 -2.78
C TRP A 385 -25.06 1.69 -1.66
N ASN A 386 -24.54 2.87 -1.99
CA ASN A 386 -24.30 3.88 -0.95
C ASN A 386 -24.82 5.21 -1.47
N ASN A 387 -25.41 5.98 -0.57
CA ASN A 387 -25.84 7.32 -0.87
C ASN A 387 -25.97 8.03 0.45
N ARG A 388 -24.90 8.70 0.85
CA ARG A 388 -24.88 9.25 2.20
C ARG A 388 -25.81 10.47 2.37
N SER A 389 -26.39 10.97 1.27
CA SER A 389 -27.47 11.95 1.38
C SER A 389 -28.71 11.32 2.00
N LEU A 390 -28.77 10.00 2.04
CA LEU A 390 -29.89 9.30 2.69
C LEU A 390 -29.61 8.87 4.13
N GLN A 391 -28.38 9.09 4.63
CA GLN A 391 -28.10 8.70 5.99
C GLN A 391 -29.02 9.53 6.88
N ASP A 392 -29.67 8.86 7.84
CA ASP A 392 -30.55 9.56 8.79
C ASP A 392 -29.80 10.10 10.00
N VAL A 393 -30.47 10.89 10.83
CA VAL A 393 -29.94 11.24 12.14
C VAL A 393 -30.00 9.96 12.99
N LEU A 394 -28.82 9.47 13.38
CA LEU A 394 -28.69 8.21 14.09
C LEU A 394 -28.61 8.45 15.60
N PRO A 395 -28.80 7.40 16.41
CA PRO A 395 -28.95 7.64 17.85
C PRO A 395 -27.81 8.44 18.47
N THR A 396 -28.18 9.33 19.39
CA THR A 396 -27.25 10.12 20.17
C THR A 396 -26.33 9.25 21.04
N TRP A 397 -26.88 8.12 21.52
CA TRP A 397 -26.17 7.30 22.49
C TRP A 397 -25.92 5.91 21.93
N ARG A 398 -24.64 5.55 21.85
CA ARG A 398 -24.24 4.22 21.39
C ARG A 398 -23.39 3.56 22.46
N TRP A 399 -23.98 2.88 23.43
CA TRP A 399 -25.43 2.70 23.60
C TRP A 399 -25.73 2.81 25.09
N ILE A 400 -26.97 3.15 25.42
CA ILE A 400 -27.42 3.24 26.80
C ILE A 400 -28.66 2.36 27.00
N GLN A 401 -28.51 1.33 27.82
CA GLN A 401 -29.65 0.45 28.16
C GLN A 401 -29.80 0.31 29.66
N HIS A 402 -30.98 -0.13 30.06
CA HIS A 402 -31.23 -0.48 31.44
C HIS A 402 -32.08 -1.74 31.43
N GLY A 403 -31.62 -2.77 32.12
CA GLY A 403 -32.37 -4.03 32.21
C GLY A 403 -32.02 -5.00 31.11
N GLY A 404 -32.24 -6.28 31.37
CA GLY A 404 -32.15 -7.34 30.38
C GLY A 404 -30.71 -7.64 30.05
N ASP A 405 -30.50 -8.56 29.11
CA ASP A 405 -29.19 -8.89 28.58
C ASP A 405 -29.22 -8.83 27.06
N LEU A 406 -29.40 -7.61 26.54
N LEU A 406 -29.46 -7.63 26.53
CA LEU A 406 -29.58 -7.36 25.12
CA LEU A 406 -29.56 -7.41 25.09
C LEU A 406 -28.40 -6.55 24.58
C LEU A 406 -28.38 -6.60 24.58
N GLU A 407 -28.16 -6.67 23.28
CA GLU A 407 -27.15 -5.86 22.60
C GLU A 407 -27.86 -5.02 21.55
N ALA A 408 -27.32 -3.81 21.34
CA ALA A 408 -27.81 -2.93 20.27
C ALA A 408 -26.73 -2.78 19.19
N THR A 409 -27.10 -3.02 17.94
CA THR A 409 -26.23 -2.79 16.78
C THR A 409 -27.08 -2.43 15.58
N PHE A 410 -26.49 -1.82 14.56
CA PHE A 410 -27.23 -1.71 13.32
C PHE A 410 -27.26 -3.05 12.62
N SER A 411 -28.33 -3.29 11.86
CA SER A 411 -28.41 -4.46 11.00
C SER A 411 -28.54 -4.06 9.54
N TRP A 412 -27.82 -4.77 8.68
CA TRP A 412 -27.95 -4.62 7.22
C TRP A 412 -28.64 -5.83 6.58
N GLU A 413 -29.27 -6.65 7.42
CA GLU A 413 -30.02 -7.79 6.95
C GLU A 413 -31.53 -7.57 7.02
N GLU A 414 -31.96 -6.54 7.75
CA GLU A 414 -33.37 -6.22 7.86
C GLU A 414 -33.50 -4.72 7.69
N ALA A 415 -34.46 -4.29 6.89
CA ALA A 415 -34.66 -2.86 6.64
C ALA A 415 -36.12 -2.61 6.27
N PHE A 416 -36.63 -1.48 6.71
CA PHE A 416 -37.99 -1.06 6.35
C PHE A 416 -37.92 -0.04 5.20
N GLU A 417 -37.10 0.99 5.36
CA GLU A 417 -36.83 1.94 4.28
C GLU A 417 -35.35 2.16 4.16
N GLY A 418 -34.77 1.69 3.06
CA GLY A 418 -33.36 1.87 2.81
C GLY A 418 -32.67 0.54 2.99
N GLY A 419 -31.52 0.56 3.67
CA GLY A 419 -30.69 -0.64 3.75
C GLY A 419 -30.37 -1.15 5.13
N SER A 420 -30.97 -0.55 6.15
CA SER A 420 -30.59 -0.86 7.54
C SER A 420 -31.70 -0.64 8.57
N SER A 421 -31.53 -1.27 9.72
CA SER A 421 -32.43 -1.05 10.86
C SER A 421 -31.60 -1.09 12.12
N LEU A 422 -32.21 -0.73 13.24
CA LEU A 422 -31.58 -0.93 14.54
C LEU A 422 -31.97 -2.31 15.07
N GLN A 423 -30.98 -3.14 15.37
CA GLN A 423 -31.25 -4.44 15.97
C GLN A 423 -31.03 -4.40 17.48
N TRP A 424 -31.98 -4.93 18.24
CA TRP A 424 -31.90 -4.93 19.70
C TRP A 424 -32.24 -6.35 20.11
N HIS A 425 -31.27 -7.08 20.61
CA HIS A 425 -31.48 -8.52 20.73
C HIS A 425 -30.62 -9.17 21.79
N GLY A 426 -31.14 -10.26 22.34
CA GLY A 426 -30.40 -11.04 23.33
C GLY A 426 -31.38 -11.76 24.21
N SER A 427 -31.11 -11.78 25.51
CA SER A 427 -31.94 -12.48 26.44
C SER A 427 -32.73 -11.48 27.24
N LEU A 428 -33.98 -11.80 27.52
CA LEU A 428 -34.81 -10.97 28.37
C LEU A 428 -35.76 -11.94 29.09
N ALA A 429 -35.56 -12.09 30.41
CA ALA A 429 -36.29 -13.11 31.17
C ALA A 429 -37.77 -12.76 31.25
N GLU A 430 -38.61 -13.78 31.42
CA GLU A 430 -40.04 -13.57 31.51
C GLU A 430 -40.36 -12.53 32.59
N GLY A 431 -41.10 -11.50 32.21
CA GLY A 431 -41.54 -10.51 33.18
C GLY A 431 -40.56 -9.39 33.46
N GLU A 432 -39.29 -9.58 33.07
N GLU A 432 -39.31 -9.56 33.04
CA GLU A 432 -38.29 -8.54 33.22
CA GLU A 432 -38.31 -8.53 33.27
C GLU A 432 -38.54 -7.45 32.19
C GLU A 432 -38.38 -7.50 32.14
N HIS A 433 -38.05 -6.25 32.47
CA HIS A 433 -38.16 -5.16 31.53
C HIS A 433 -36.79 -4.64 31.13
N ALA A 434 -36.69 -4.17 29.90
CA ALA A 434 -35.45 -3.52 29.45
C ALA A 434 -35.83 -2.26 28.69
N GLN A 435 -34.92 -1.30 28.71
CA GLN A 435 -35.11 -0.03 28.05
C GLN A 435 -33.83 0.34 27.34
N ILE A 436 -33.98 1.04 26.23
CA ILE A 436 -32.84 1.54 25.50
C ILE A 436 -33.11 3.01 25.17
N GLU A 437 -32.20 3.88 25.61
CA GLU A 437 -32.39 5.32 25.42
C GLU A 437 -31.57 5.72 24.20
N LEU A 438 -32.22 6.34 23.20
CA LEU A 438 -31.57 6.52 21.90
C LEU A 438 -31.22 7.97 21.55
N TYR A 439 -32.17 8.88 21.75
CA TYR A 439 -31.99 10.26 21.26
C TYR A 439 -32.19 11.31 22.31
N GLN A 440 -31.30 12.32 22.28
CA GLN A 440 -31.56 13.60 22.92
C GLN A 440 -32.31 14.44 21.87
N THR A 441 -33.35 15.16 22.29
CA THR A 441 -34.22 15.85 21.34
C THR A 441 -34.74 17.15 21.93
N GLU A 442 -35.40 17.93 21.09
CA GLU A 442 -36.12 19.11 21.54
C GLU A 442 -37.29 19.31 20.59
N LEU A 443 -38.39 18.63 20.88
CA LEU A 443 -39.51 18.50 19.92
C LEU A 443 -40.81 18.95 20.55
N PRO A 444 -41.29 20.12 20.14
CA PRO A 444 -42.55 20.60 20.74
C PRO A 444 -43.72 19.75 20.29
N ILE A 445 -44.59 19.38 21.23
CA ILE A 445 -45.77 18.58 20.95
C ILE A 445 -46.99 19.49 20.80
N SER A 446 -47.76 19.30 19.75
CA SER A 446 -49.00 20.04 19.53
C SER A 446 -50.16 19.09 19.34
N GLU A 447 -51.39 19.62 19.33
CA GLU A 447 -52.52 18.83 18.86
C GLU A 447 -52.16 18.27 17.48
N GLY A 448 -52.35 16.98 17.29
CA GLY A 448 -52.09 16.36 15.98
C GLY A 448 -50.73 15.69 15.87
N THR A 449 -49.85 15.93 16.85
CA THR A 449 -48.55 15.24 16.88
C THR A 449 -48.73 13.82 17.39
N SER A 450 -48.08 12.86 16.74
CA SER A 450 -48.11 11.48 17.23
C SER A 450 -46.72 10.89 17.20
N LEU A 451 -46.48 9.87 18.02
CA LEU A 451 -45.28 9.04 17.91
C LEU A 451 -45.62 7.87 17.02
N THR A 452 -44.75 7.55 16.05
CA THR A 452 -44.93 6.32 15.27
C THR A 452 -43.65 5.51 15.28
N TRP A 453 -43.77 4.20 15.34
CA TRP A 453 -42.55 3.39 15.24
C TRP A 453 -42.88 2.09 14.56
N THR A 454 -41.89 1.53 13.84
CA THR A 454 -42.13 0.33 13.00
C THR A 454 -41.02 -0.69 13.30
N PHE A 455 -41.41 -1.93 13.57
CA PHE A 455 -40.43 -2.92 14.00
C PHE A 455 -40.89 -4.35 13.68
N LYS A 456 -39.95 -5.27 13.76
CA LYS A 456 -40.24 -6.69 13.76
C LYS A 456 -39.75 -7.22 15.08
N SER A 457 -40.43 -8.23 15.61
CA SER A 457 -40.04 -8.85 16.89
C SER A 457 -40.12 -10.35 16.69
N GLU A 458 -38.95 -10.99 16.72
N GLU A 458 -38.95 -11.01 16.67
CA GLU A 458 -38.84 -12.38 16.32
CA GLU A 458 -38.89 -12.43 16.30
C GLU A 458 -39.38 -13.38 17.34
C GLU A 458 -39.57 -13.33 17.32
N HIS A 459 -39.47 -12.97 18.60
CA HIS A 459 -39.96 -13.84 19.66
C HIS A 459 -41.30 -13.41 20.20
N GLY A 460 -41.87 -12.43 19.52
CA GLY A 460 -43.26 -12.03 19.79
C GLY A 460 -43.48 -10.94 20.80
N ASN A 461 -42.42 -10.49 21.49
CA ASN A 461 -42.53 -9.40 22.47
C ASN A 461 -42.99 -8.13 21.75
N ASP A 462 -43.92 -7.38 22.34
CA ASP A 462 -44.29 -6.08 21.77
C ASP A 462 -43.12 -5.13 22.01
N LEU A 463 -43.08 -4.04 21.26
CA LEU A 463 -42.08 -2.99 21.49
C LEU A 463 -42.82 -1.72 21.88
N ASN A 464 -42.54 -1.21 23.08
CA ASN A 464 -43.15 0.02 23.55
C ASN A 464 -42.23 1.19 23.27
N VAL A 465 -42.80 2.38 23.15
CA VAL A 465 -42.00 3.57 22.93
C VAL A 465 -41.74 4.29 24.24
N GLY A 466 -40.65 5.05 24.29
CA GLY A 466 -40.36 5.88 25.44
C GLY A 466 -40.12 7.31 25.01
N PHE A 467 -40.63 8.25 25.80
CA PHE A 467 -40.30 9.65 25.54
C PHE A 467 -40.11 10.37 26.86
N ARG A 468 -39.18 11.31 26.87
CA ARG A 468 -38.90 12.10 28.07
C ARG A 468 -39.41 13.50 27.81
N LEU A 469 -40.06 14.11 28.81
CA LEU A 469 -40.59 15.48 28.67
C LEU A 469 -39.69 16.49 29.40
N ASP A 470 -39.57 17.67 28.81
CA ASP A 470 -38.85 18.76 29.44
C ASP A 470 -39.42 18.97 30.84
N GLY A 471 -38.55 19.07 31.84
CA GLY A 471 -38.98 19.23 33.24
C GLY A 471 -39.13 17.91 33.99
N GLU A 472 -38.91 16.80 33.29
CA GLU A 472 -38.94 15.50 33.96
C GLU A 472 -37.65 14.76 33.68
N GLU A 473 -37.19 13.97 34.64
CA GLU A 473 -35.93 13.29 34.49
C GLU A 473 -36.12 11.87 33.94
N ASP A 474 -37.26 11.26 34.21
CA ASP A 474 -37.49 9.87 33.80
C ASP A 474 -38.23 9.78 32.46
N PHE A 475 -37.96 8.72 31.69
CA PHE A 475 -38.71 8.51 30.47
C PHE A 475 -40.07 7.90 30.79
N ARG A 476 -41.05 8.23 29.96
CA ARG A 476 -42.38 7.65 30.02
C ARG A 476 -42.45 6.54 28.98
N TYR A 477 -42.69 5.31 29.41
CA TYR A 477 -42.82 4.20 28.46
C TYR A 477 -44.28 3.84 28.28
N VAL A 478 -44.70 3.78 27.02
CA VAL A 478 -46.11 3.72 26.67
C VAL A 478 -46.34 2.76 25.52
N GLU A 479 -47.41 1.97 25.62
CA GLU A 479 -47.88 1.07 24.56
C GLU A 479 -48.42 1.81 23.34
N GLY A 480 -48.19 1.24 22.16
CA GLY A 480 -48.81 1.73 20.94
C GLY A 480 -50.33 1.55 21.02
N GLU A 481 -51.07 2.45 20.35
CA GLU A 481 -52.54 2.42 20.33
C GLU A 481 -53.13 1.93 19.02
N GLN A 482 -52.63 2.44 17.90
CA GLN A 482 -53.18 2.06 16.61
C GLN A 482 -52.12 1.29 15.85
N ARG A 483 -52.49 0.11 15.39
CA ARG A 483 -51.55 -0.80 14.76
C ARG A 483 -51.86 -0.97 13.29
N GLU A 484 -50.80 -1.01 12.47
CA GLU A 484 -50.92 -1.45 11.09
C GLU A 484 -49.77 -2.42 10.76
N SER A 485 -50.10 -3.52 10.11
CA SER A 485 -49.08 -4.47 9.66
C SER A 485 -48.70 -4.13 8.24
N ILE A 486 -47.40 -3.99 7.99
CA ILE A 486 -46.92 -3.63 6.67
C ILE A 486 -45.81 -4.59 6.26
N ASN A 487 -46.13 -5.51 5.34
CA ASN A 487 -45.16 -6.48 4.83
C ASN A 487 -44.33 -7.12 5.95
N GLY A 488 -45.01 -7.57 7.00
CA GLY A 488 -44.35 -8.31 8.08
C GLY A 488 -43.87 -7.44 9.23
N TRP A 489 -43.94 -6.12 9.06
CA TRP A 489 -43.52 -5.17 10.08
C TRP A 489 -44.73 -4.64 10.81
N THR A 490 -44.57 -4.30 12.10
CA THR A 490 -45.66 -3.73 12.89
C THR A 490 -45.38 -2.24 13.09
N GLN A 491 -46.34 -1.40 12.70
CA GLN A 491 -46.24 0.03 12.93
C GLN A 491 -47.26 0.44 13.96
N TRP A 492 -46.79 0.97 15.08
CA TRP A 492 -47.67 1.54 16.09
C TRP A 492 -47.76 3.04 15.92
N THR A 493 -48.93 3.58 16.26
CA THR A 493 -49.09 5.02 16.37
C THR A 493 -49.60 5.31 17.76
N LEU A 494 -49.03 6.35 18.37
CA LEU A 494 -49.45 6.81 19.70
C LEU A 494 -49.73 8.31 19.61
N PRO A 495 -51.00 8.71 19.57
CA PRO A 495 -51.31 10.15 19.52
C PRO A 495 -50.79 10.84 20.77
N LEU A 496 -50.27 12.06 20.64
CA LEU A 496 -49.65 12.72 21.78
C LEU A 496 -50.42 13.96 22.21
N ASP A 497 -51.67 14.07 21.79
CA ASP A 497 -52.44 15.31 22.02
C ASP A 497 -52.57 15.71 23.48
N ALA A 498 -52.56 14.73 24.38
CA ALA A 498 -52.68 15.00 25.81
C ALA A 498 -51.47 15.75 26.33
N PHE A 499 -50.39 15.74 25.55
CA PHE A 499 -49.15 16.40 25.94
C PHE A 499 -48.92 17.68 25.15
N ALA A 500 -49.93 18.14 24.44
CA ALA A 500 -49.78 19.39 23.70
C ALA A 500 -49.29 20.49 24.63
N GLY A 501 -48.34 21.30 24.15
CA GLY A 501 -47.74 22.34 24.98
C GLY A 501 -46.46 21.90 25.66
N GLN A 502 -46.21 20.59 25.69
CA GLN A 502 -44.99 20.03 26.27
C GLN A 502 -43.93 19.85 25.17
N THR A 503 -42.71 19.56 25.60
CA THR A 503 -41.59 19.34 24.68
C THR A 503 -40.92 18.00 25.00
N ILE A 504 -40.74 17.16 23.98
CA ILE A 504 -40.03 15.90 24.15
C ILE A 504 -38.54 16.21 24.10
N THR A 505 -37.81 15.74 25.12
CA THR A 505 -36.35 15.88 25.21
C THR A 505 -35.55 14.59 25.08
N GLY A 506 -36.23 13.45 25.01
CA GLY A 506 -35.58 12.15 24.81
C GLY A 506 -36.50 11.13 24.13
N LEU A 507 -35.93 10.25 23.32
CA LEU A 507 -36.67 9.14 22.76
C LEU A 507 -35.97 7.82 23.07
N ALA A 508 -36.77 6.78 23.28
CA ALA A 508 -36.28 5.49 23.77
C ALA A 508 -37.27 4.40 23.37
N PHE A 509 -36.90 3.14 23.63
CA PHE A 509 -37.82 2.01 23.50
C PHE A 509 -37.75 1.14 24.75
N ALA A 510 -38.79 0.33 24.96
CA ALA A 510 -38.78 -0.63 26.05
C ALA A 510 -39.50 -1.93 25.66
N ALA A 511 -39.16 -3.02 26.34
CA ALA A 511 -39.81 -4.29 26.09
C ALA A 511 -39.89 -5.08 27.38
N GLU A 512 -40.82 -6.04 27.43
CA GLU A 512 -40.94 -6.96 28.56
C GLU A 512 -40.66 -8.38 28.08
N GLY A 513 -39.97 -9.15 28.90
CA GLY A 513 -39.62 -10.52 28.54
C GLY A 513 -40.85 -11.42 28.56
N ASN A 514 -40.89 -12.40 27.68
CA ASN A 514 -41.95 -13.38 27.67
C ASN A 514 -41.42 -14.78 27.99
N GLU A 515 -42.28 -15.79 27.87
CA GLU A 515 -41.87 -17.15 28.25
C GLU A 515 -40.69 -17.72 27.45
N THR A 516 -40.38 -17.14 26.29
CA THR A 516 -39.23 -17.61 25.49
C THR A 516 -37.89 -17.22 26.12
N GLY A 517 -37.92 -16.17 26.94
CA GLY A 517 -36.71 -15.64 27.58
C GLY A 517 -35.76 -14.97 26.60
N LEU A 518 -36.21 -14.74 25.36
CA LEU A 518 -35.38 -14.12 24.34
C LEU A 518 -36.08 -12.91 23.74
N ALA A 519 -35.32 -11.98 23.19
CA ALA A 519 -35.91 -10.86 22.46
C ALA A 519 -35.03 -10.54 21.28
N GLU A 520 -35.66 -10.23 20.15
CA GLU A 520 -34.90 -9.87 18.95
C GLU A 520 -35.75 -8.91 18.13
N PHE A 521 -35.44 -7.63 18.24
CA PHE A 521 -36.16 -6.55 17.54
C PHE A 521 -35.33 -6.02 16.38
N TYR A 522 -36.01 -5.70 15.28
CA TYR A 522 -35.42 -4.86 14.23
C TYR A 522 -36.29 -3.62 14.13
N ILE A 523 -35.69 -2.47 14.35
CA ILE A 523 -36.47 -1.23 14.43
C ILE A 523 -36.15 -0.41 13.20
N GLY A 524 -37.17 -0.19 12.38
CA GLY A 524 -36.95 0.37 11.04
C GLY A 524 -37.46 1.78 10.80
N GLN A 525 -38.15 2.33 11.79
CA GLN A 525 -38.72 3.67 11.63
C GLN A 525 -39.12 4.19 13.02
N LEU A 526 -38.98 5.50 13.20
CA LEU A 526 -39.38 6.18 14.42
C LEU A 526 -39.64 7.62 14.03
N ALA A 527 -40.77 8.19 14.46
CA ALA A 527 -41.06 9.60 14.10
C ALA A 527 -41.94 10.28 15.13
N VAL A 528 -41.76 11.60 15.25
CA VAL A 528 -42.62 12.45 16.06
C VAL A 528 -43.13 13.50 15.10
N GLY A 529 -44.43 13.56 14.86
CA GLY A 529 -44.91 14.48 13.85
C GLY A 529 -46.36 14.27 13.52
N ALA A 530 -46.84 15.05 12.56
CA ALA A 530 -48.26 15.12 12.27
C ALA A 530 -48.57 14.65 10.86
N ASP A 531 -49.88 14.63 10.55
CA ASP A 531 -50.39 14.32 9.21
C ASP A 531 -49.96 15.39 8.21
N SER A 532 -49.51 14.96 7.04
CA SER A 532 -48.99 15.85 6.00
C SER A 532 -49.29 15.30 4.62
N GLU A 533 -49.66 16.19 3.71
CA GLU A 533 -50.10 15.78 2.37
C GLU A 533 -48.94 15.19 1.57
N LYS A 534 -49.29 14.31 0.62
CA LYS A 534 -48.28 13.80 -0.31
C LYS A 534 -47.74 14.92 -1.18
N PRO A 535 -46.45 14.84 -1.55
CA PRO A 535 -45.92 15.84 -2.47
C PRO A 535 -46.54 15.63 -3.84
N ALA A 536 -46.49 16.67 -4.66
CA ALA A 536 -46.92 16.54 -6.05
C ALA A 536 -45.92 15.65 -6.77
N ALA A 537 -46.36 14.96 -7.83
CA ALA A 537 -45.44 14.22 -8.67
C ALA A 537 -44.37 15.15 -9.21
N PRO A 538 -43.10 14.73 -9.16
CA PRO A 538 -42.09 15.68 -9.65
C PRO A 538 -42.29 16.07 -11.11
N ASN A 539 -41.97 17.32 -11.44
CA ASN A 539 -41.97 17.79 -12.82
C ASN A 539 -40.61 17.45 -13.42
N VAL A 540 -40.54 16.35 -14.16
CA VAL A 540 -39.27 15.78 -14.60
C VAL A 540 -39.01 15.93 -16.09
N ASN A 541 -37.80 16.34 -16.43
CA ASN A 541 -37.35 16.31 -17.82
C ASN A 541 -36.13 15.42 -18.02
N VAL A 542 -36.09 14.78 -19.18
CA VAL A 542 -34.96 13.98 -19.58
C VAL A 542 -34.03 14.91 -20.36
N ARG A 543 -32.76 14.90 -20.00
CA ARG A 543 -31.80 15.77 -20.64
C ARG A 543 -30.54 15.01 -20.98
N GLN A 544 -29.75 15.55 -21.90
CA GLN A 544 -28.49 14.92 -22.24
C GLN A 544 -27.47 15.27 -21.16
N TYR A 545 -26.56 14.34 -20.94
CA TYR A 545 -25.38 14.56 -20.12
C TYR A 545 -24.20 14.47 -21.08
N ASP A 546 -23.65 15.61 -21.46
CA ASP A 546 -22.68 15.68 -22.56
C ASP A 546 -21.55 14.64 -22.49
N PRO A 547 -20.84 14.57 -21.34
CA PRO A 547 -19.71 13.63 -21.26
C PRO A 547 -20.04 12.17 -21.52
N ASP A 548 -21.33 11.81 -21.49
CA ASP A 548 -21.72 10.43 -21.75
C ASP A 548 -22.98 10.30 -22.62
N PRO A 549 -22.77 10.21 -23.94
CA PRO A 549 -23.84 9.95 -24.91
C PRO A 549 -24.71 8.75 -24.58
N SER A 550 -24.13 7.72 -23.97
CA SER A 550 -24.89 6.53 -23.63
C SER A 550 -25.80 6.75 -22.42
N GLY A 551 -25.65 7.89 -21.76
CA GLY A 551 -26.39 8.11 -20.53
C GLY A 551 -27.42 9.20 -20.65
N ILE A 552 -28.21 9.37 -19.61
CA ILE A 552 -29.12 10.50 -19.55
C ILE A 552 -29.05 11.14 -18.17
N GLN A 553 -29.60 12.33 -18.05
CA GLN A 553 -29.94 12.83 -16.74
C GLN A 553 -31.42 13.18 -16.65
N LEU A 554 -31.99 12.96 -15.48
CA LEU A 554 -33.33 13.42 -15.15
C LEU A 554 -33.17 14.65 -14.29
N VAL A 555 -33.88 15.72 -14.65
CA VAL A 555 -33.82 16.96 -13.89
C VAL A 555 -35.23 17.35 -13.51
N TRP A 556 -35.47 17.58 -12.23
CA TRP A 556 -36.76 18.09 -11.81
C TRP A 556 -36.72 19.44 -11.14
N GLU A 557 -37.90 20.05 -11.07
CA GLU A 557 -38.09 21.29 -10.35
C GLU A 557 -38.04 21.04 -8.85
N LYS A 558 -37.39 21.93 -8.12
CA LYS A 558 -37.32 21.81 -6.67
C LYS A 558 -38.70 21.85 -6.03
N GLN A 559 -38.91 21.01 -5.03
CA GLN A 559 -40.17 20.98 -4.30
C GLN A 559 -39.94 21.14 -2.81
N SER A 560 -40.89 21.77 -2.13
CA SER A 560 -40.77 21.93 -0.69
C SER A 560 -41.08 20.62 0.04
N ASN A 561 -40.40 20.38 1.14
N ASN A 561 -40.36 20.42 1.14
CA ASN A 561 -40.72 19.24 2.00
CA ASN A 561 -40.59 19.29 2.03
C ASN A 561 -40.49 17.87 1.40
C ASN A 561 -40.57 17.95 1.31
N VAL A 562 -39.59 17.77 0.43
CA VAL A 562 -39.29 16.47 -0.16
C VAL A 562 -37.91 16.06 0.33
N HIS A 563 -37.84 14.89 0.94
CA HIS A 563 -36.60 14.41 1.53
C HIS A 563 -35.71 13.82 0.44
N HIS A 564 -36.30 12.99 -0.43
CA HIS A 564 -35.51 12.46 -1.54
C HIS A 564 -36.40 11.93 -2.64
N TYR A 565 -35.76 11.54 -3.75
CA TYR A 565 -36.44 11.05 -4.94
C TYR A 565 -36.01 9.62 -5.22
N ARG A 566 -36.95 8.78 -5.66
CA ARG A 566 -36.62 7.41 -6.05
C ARG A 566 -36.95 7.20 -7.51
N VAL A 567 -36.05 6.57 -8.24
CA VAL A 567 -36.26 6.30 -9.66
C VAL A 567 -36.40 4.81 -9.87
N TYR A 568 -37.55 4.41 -10.40
CA TYR A 568 -37.85 3.00 -10.67
C TYR A 568 -37.86 2.76 -12.18
N LYS A 569 -37.41 1.59 -12.59
CA LYS A 569 -37.46 1.19 -13.99
C LYS A 569 -38.35 -0.04 -14.15
N GLU A 570 -39.17 -0.06 -15.19
CA GLU A 570 -39.98 -1.25 -15.46
C GLU A 570 -39.11 -2.37 -16.00
N THR A 571 -39.24 -3.57 -15.43
CA THR A 571 -38.64 -4.77 -16.04
C THR A 571 -39.69 -5.85 -16.18
N LYS A 572 -39.32 -6.95 -16.85
CA LYS A 572 -40.23 -8.09 -16.93
C LYS A 572 -40.54 -8.58 -15.50
N HIS A 573 -39.53 -8.49 -14.63
CA HIS A 573 -39.64 -8.95 -13.23
C HIS A 573 -40.50 -8.04 -12.34
N GLY A 574 -40.94 -6.92 -12.88
CA GLY A 574 -41.60 -5.90 -12.08
C GLY A 574 -40.60 -4.77 -11.97
N LYS A 575 -40.94 -3.71 -11.26
CA LYS A 575 -40.05 -2.58 -11.27
C LYS A 575 -38.75 -2.83 -10.50
N GLU A 576 -37.79 -1.95 -10.72
CA GLU A 576 -36.50 -2.04 -10.05
C GLU A 576 -36.14 -0.63 -9.64
N LEU A 577 -35.70 -0.45 -8.41
CA LEU A 577 -35.16 0.85 -8.02
C LEU A 577 -33.77 1.01 -8.65
N ILE A 578 -33.61 2.03 -9.48
CA ILE A 578 -32.33 2.22 -10.18
C ILE A 578 -31.58 3.48 -9.75
N GLY A 579 -32.17 4.28 -8.88
CA GLY A 579 -31.41 5.38 -8.27
C GLY A 579 -32.15 6.14 -7.20
N THR A 580 -31.39 6.84 -6.35
CA THR A 580 -31.94 7.78 -5.40
C THR A 580 -31.21 9.11 -5.47
N SER A 581 -31.92 10.18 -5.15
CA SER A 581 -31.31 11.51 -5.22
C SER A 581 -31.93 12.43 -4.19
N ALA A 582 -31.08 13.22 -3.52
CA ALA A 582 -31.56 14.27 -2.62
C ALA A 582 -31.29 15.63 -3.21
N GLY A 583 -31.14 15.69 -4.54
CA GLY A 583 -30.85 16.94 -5.24
C GLY A 583 -31.96 17.30 -6.20
N ASP A 584 -31.61 17.91 -7.33
CA ASP A 584 -32.60 18.27 -8.34
C ASP A 584 -32.44 17.46 -9.62
N ARG A 585 -31.58 16.44 -9.58
CA ARG A 585 -31.33 15.60 -10.75
C ARG A 585 -30.65 14.31 -10.38
N ILE A 586 -30.53 13.43 -11.37
CA ILE A 586 -29.76 12.20 -11.23
C ILE A 586 -29.29 11.73 -12.60
N TYR A 587 -28.04 11.30 -12.67
CA TYR A 587 -27.52 10.66 -13.87
C TYR A 587 -27.85 9.17 -13.88
N LEU A 588 -28.24 8.65 -15.04
CA LEU A 588 -28.54 7.22 -15.17
C LEU A 588 -27.82 6.67 -16.38
N GLU A 589 -27.05 5.61 -16.17
CA GLU A 589 -26.28 5.04 -17.25
C GLU A 589 -27.09 4.02 -18.06
N GLY A 590 -26.70 3.85 -19.32
CA GLY A 590 -27.13 2.71 -20.12
C GLY A 590 -28.51 2.79 -20.75
N LEU A 591 -29.33 3.75 -20.33
CA LEU A 591 -30.72 3.79 -20.78
C LEU A 591 -30.86 4.19 -22.25
N VAL A 592 -29.95 5.00 -22.77
CA VAL A 592 -29.93 5.30 -24.21
C VAL A 592 -29.81 3.99 -24.99
N GLU A 593 -28.76 3.22 -24.68
CA GLU A 593 -28.51 1.92 -25.28
C GLU A 593 -29.72 0.98 -25.15
N GLU A 594 -30.18 0.80 -23.92
CA GLU A 594 -31.30 -0.11 -23.67
C GLU A 594 -32.52 0.25 -24.51
N SER A 595 -32.72 1.55 -24.76
CA SER A 595 -33.93 2.02 -25.46
C SER A 595 -33.92 1.64 -26.95
N LYS A 596 -32.77 1.24 -27.47
CA LYS A 596 -32.69 0.74 -28.84
C LYS A 596 -33.22 -0.69 -28.90
N GLN A 597 -32.89 -1.50 -27.90
CA GLN A 597 -33.33 -2.89 -27.86
C GLN A 597 -34.80 -2.97 -27.45
N ASN A 598 -35.16 -2.22 -26.41
CA ASN A 598 -36.52 -2.26 -25.88
C ASN A 598 -36.96 -0.91 -25.32
N ASP A 599 -38.23 -0.81 -24.95
CA ASP A 599 -38.73 0.46 -24.45
C ASP A 599 -38.43 0.63 -22.98
N VAL A 600 -38.01 1.83 -22.60
CA VAL A 600 -37.63 2.07 -21.21
C VAL A 600 -38.65 3.01 -20.58
N ARG A 601 -39.30 2.54 -19.52
CA ARG A 601 -40.22 3.38 -18.79
C ARG A 601 -39.74 3.55 -17.37
N LEU A 602 -39.63 4.79 -16.93
CA LEU A 602 -39.21 5.11 -15.58
C LEU A 602 -40.38 5.71 -14.80
N HIS A 603 -40.33 5.55 -13.49
CA HIS A 603 -41.31 6.15 -12.59
C HIS A 603 -40.53 6.82 -11.47
N ILE A 604 -40.73 8.13 -11.33
CA ILE A 604 -39.99 8.91 -10.34
C ILE A 604 -40.94 9.37 -9.24
N GLU A 605 -40.61 9.02 -7.99
CA GLU A 605 -41.42 9.37 -6.83
C GLU A 605 -40.69 10.43 -6.03
N ALA A 606 -41.41 11.38 -5.45
CA ALA A 606 -40.85 12.26 -4.39
C ALA A 606 -41.33 11.73 -3.04
N LEU A 607 -40.42 11.59 -2.07
CA LEU A 607 -40.84 11.12 -0.76
C LEU A 607 -40.78 12.29 0.17
N SER A 608 -41.87 12.58 0.89
CA SER A 608 -41.88 13.76 1.76
C SER A 608 -40.99 13.55 2.99
N GLU A 609 -40.85 14.59 3.80
CA GLU A 609 -40.07 14.48 5.03
C GLU A 609 -40.65 13.48 6.01
N THR A 610 -41.95 13.18 5.90
CA THR A 610 -42.55 12.07 6.66
C THR A 610 -42.69 10.79 5.83
N PHE A 611 -41.96 10.73 4.72
CA PHE A 611 -41.91 9.56 3.85
C PHE A 611 -43.26 9.16 3.24
N VAL A 612 -44.10 10.16 2.99
CA VAL A 612 -45.31 9.96 2.16
C VAL A 612 -44.88 10.13 0.69
N PRO A 613 -45.05 9.07 -0.11
CA PRO A 613 -44.64 9.20 -1.49
C PRO A 613 -45.66 9.96 -2.34
N SER A 614 -45.15 10.71 -3.30
CA SER A 614 -45.99 11.31 -4.31
C SER A 614 -46.48 10.21 -5.25
N ASP A 615 -47.52 10.51 -6.03
CA ASP A 615 -47.79 9.72 -7.23
C ASP A 615 -46.50 9.70 -8.02
N ALA A 616 -46.21 8.61 -8.73
CA ALA A 616 -44.99 8.62 -9.54
C ALA A 616 -45.17 9.42 -10.85
N ARG A 617 -44.13 10.13 -11.27
CA ARG A 617 -44.10 10.67 -12.62
C ARG A 617 -43.59 9.58 -13.55
N MET A 618 -44.38 9.27 -14.59
CA MET A 618 -43.97 8.24 -15.53
C MET A 618 -43.24 8.88 -16.71
N ILE A 619 -42.08 8.33 -17.07
CA ILE A 619 -41.25 8.88 -18.12
C ILE A 619 -40.95 7.81 -19.16
N ASP A 620 -41.13 8.16 -20.43
CA ASP A 620 -40.78 7.28 -21.53
C ASP A 620 -39.49 7.63 -22.21
N ILE A 621 -38.69 6.61 -22.49
CA ILE A 621 -37.50 6.77 -23.30
C ILE A 621 -37.61 5.81 -24.49
N LYS A 622 -37.74 6.37 -25.69
CA LYS A 622 -37.93 5.59 -26.92
C LYS A 622 -36.68 5.56 -27.81
N THR B 7 45.22 -5.15 -20.04
CA THR B 7 45.70 -6.16 -21.03
C THR B 7 45.51 -7.58 -20.47
N TYR B 8 44.27 -7.96 -20.28
CA TYR B 8 43.96 -9.21 -19.61
C TYR B 8 43.91 -10.31 -20.66
N ASN B 9 44.59 -11.43 -20.42
CA ASN B 9 44.64 -12.51 -21.42
C ASN B 9 43.96 -13.80 -20.99
N GLY B 10 43.17 -13.73 -19.93
CA GLY B 10 42.49 -14.91 -19.41
C GLY B 10 41.14 -15.15 -20.05
N PRO B 11 40.44 -16.20 -19.60
CA PRO B 11 39.19 -16.59 -20.25
C PRO B 11 38.09 -15.56 -20.00
N LEU B 12 37.20 -15.45 -20.98
CA LEU B 12 36.13 -14.46 -20.94
C LEU B 12 34.80 -15.15 -21.16
N SER B 13 33.73 -14.53 -20.63
CA SER B 13 32.37 -15.00 -20.86
C SER B 13 32.04 -14.95 -22.36
N SER B 14 31.22 -15.89 -22.82
CA SER B 14 30.98 -16.09 -24.25
C SER B 14 30.01 -15.08 -24.83
N HIS B 15 30.10 -14.90 -26.15
CA HIS B 15 29.09 -14.18 -26.91
C HIS B 15 29.32 -14.51 -28.37
N TRP B 16 28.23 -14.59 -29.13
CA TRP B 16 28.31 -15.10 -30.49
C TRP B 16 27.44 -14.37 -31.45
N PHE B 17 27.86 -14.36 -32.71
CA PHE B 17 26.95 -14.19 -33.82
C PHE B 17 26.50 -15.58 -34.29
N PRO B 18 25.36 -15.67 -35.00
CA PRO B 18 24.78 -16.94 -35.40
C PRO B 18 25.78 -17.89 -36.07
N GLU B 19 26.59 -17.39 -36.98
CA GLU B 19 27.57 -18.25 -37.66
C GLU B 19 28.55 -18.87 -36.67
N GLU B 20 28.96 -18.11 -35.66
CA GLU B 20 29.89 -18.62 -34.66
C GLU B 20 29.20 -19.67 -33.79
N LEU B 21 27.99 -19.37 -33.33
CA LEU B 21 27.23 -20.31 -32.51
C LEU B 21 26.98 -21.63 -33.25
N ALA B 22 26.70 -21.56 -34.55
CA ALA B 22 26.40 -22.76 -35.32
C ALA B 22 27.56 -23.76 -35.28
N GLN B 23 28.78 -23.25 -35.12
CA GLN B 23 29.98 -24.10 -35.07
C GLN B 23 30.49 -24.35 -33.65
N TRP B 24 29.86 -23.74 -32.64
CA TRP B 24 30.41 -23.83 -31.30
C TRP B 24 30.28 -25.22 -30.71
N GLU B 25 31.37 -25.73 -30.16
CA GLU B 25 31.31 -26.95 -29.37
C GLU B 25 32.15 -26.69 -28.13
N PRO B 26 31.68 -27.15 -26.97
CA PRO B 26 32.38 -26.77 -25.74
C PRO B 26 33.80 -27.32 -25.68
N ASP B 27 34.02 -28.53 -26.20
CA ASP B 27 35.35 -29.13 -26.16
C ASP B 27 36.37 -28.39 -27.02
N SER B 28 35.91 -27.60 -27.99
CA SER B 28 36.84 -26.89 -28.87
C SER B 28 37.02 -25.41 -28.48
N ASP B 29 36.30 -24.97 -27.44
CA ASP B 29 36.42 -23.60 -27.00
C ASP B 29 37.17 -23.57 -25.68
N PRO B 30 38.38 -23.01 -25.67
CA PRO B 30 39.22 -23.15 -24.49
C PRO B 30 38.66 -22.41 -23.29
N ASP B 31 37.76 -21.47 -23.53
CA ASP B 31 37.18 -20.70 -22.39
C ASP B 31 35.94 -21.37 -21.86
N ALA B 32 35.36 -22.29 -22.62
CA ALA B 32 34.12 -22.94 -22.20
C ALA B 32 34.07 -23.49 -20.77
N PRO B 33 35.09 -24.26 -20.36
CA PRO B 33 35.11 -24.84 -19.00
C PRO B 33 35.08 -23.77 -17.89
N PHE B 34 35.65 -22.60 -18.16
CA PHE B 34 35.70 -21.52 -17.14
C PHE B 34 34.36 -20.79 -17.05
N ASN B 35 33.56 -20.91 -18.11
CA ASN B 35 32.23 -20.28 -18.16
C ASN B 35 31.10 -21.15 -17.62
N ARG B 36 31.38 -22.40 -17.26
CA ARG B 36 30.32 -23.25 -16.71
C ARG B 36 30.01 -22.94 -15.25
N SER B 37 28.73 -22.80 -14.92
CA SER B 37 28.29 -22.73 -13.52
C SER B 37 28.24 -24.12 -12.90
N HIS B 38 28.77 -24.23 -11.68
CA HIS B 38 28.67 -25.46 -10.90
C HIS B 38 27.81 -25.29 -9.66
N VAL B 39 26.88 -24.33 -9.70
CA VAL B 39 25.95 -24.09 -8.62
C VAL B 39 24.53 -24.22 -9.19
N PRO B 40 23.88 -25.34 -8.91
CA PRO B 40 22.57 -25.58 -9.50
C PRO B 40 21.52 -24.63 -8.95
N LEU B 41 20.47 -24.41 -9.74
CA LEU B 41 19.33 -23.60 -9.33
C LEU B 41 18.69 -24.19 -8.07
N GLU B 42 18.74 -23.46 -6.97
CA GLU B 42 18.10 -23.96 -5.74
C GLU B 42 16.57 -23.96 -5.85
N PRO B 43 15.92 -25.11 -5.63
CA PRO B 43 14.47 -25.14 -5.78
C PRO B 43 13.77 -24.76 -4.48
N GLY B 44 12.48 -24.45 -4.55
CA GLY B 44 11.68 -24.38 -3.30
C GLY B 44 11.80 -23.19 -2.33
N ARG B 45 12.09 -22.01 -2.84
CA ARG B 45 12.12 -20.77 -2.05
C ARG B 45 10.88 -20.61 -1.18
N VAL B 46 11.04 -19.98 -0.04
CA VAL B 46 9.90 -19.67 0.83
C VAL B 46 9.68 -18.15 0.90
N ALA B 47 8.43 -17.74 1.01
CA ALA B 47 8.08 -16.31 0.98
C ALA B 47 7.88 -15.75 2.39
N ASP B 48 8.18 -14.47 2.56
CA ASP B 48 7.85 -13.75 3.81
C ASP B 48 6.41 -13.23 3.79
N ARG B 49 5.99 -12.59 4.87
CA ARG B 49 4.63 -12.04 4.92
C ARG B 49 4.60 -10.69 5.61
N VAL B 50 5.71 -9.97 5.59
CA VAL B 50 5.87 -8.79 6.44
C VAL B 50 5.13 -7.56 5.95
N ASN B 51 4.90 -7.49 4.63
CA ASN B 51 4.20 -6.35 4.05
C ASN B 51 2.74 -6.67 3.77
N ALA B 52 1.85 -5.98 4.48
CA ALA B 52 0.41 -6.18 4.35
C ALA B 52 -0.15 -5.97 2.94
N ASN B 53 0.51 -5.12 2.15
CA ASN B 53 0.03 -4.83 0.80
C ASN B 53 0.44 -5.87 -0.23
N ALA B 54 1.59 -6.49 0.01
CA ALA B 54 2.18 -7.44 -0.93
C ALA B 54 1.29 -8.67 -1.11
N ASP B 55 1.30 -9.25 -2.30
CA ASP B 55 0.49 -10.42 -2.56
C ASP B 55 1.22 -11.39 -3.49
N THR B 56 0.63 -12.57 -3.66
CA THR B 56 1.33 -13.70 -4.25
C THR B 56 0.96 -14.04 -5.70
N ASP B 57 0.19 -13.18 -6.37
CA ASP B 57 -0.18 -13.48 -7.75
C ASP B 57 0.86 -13.02 -8.79
N ALA B 58 1.25 -11.75 -8.74
CA ALA B 58 2.13 -11.16 -9.74
C ALA B 58 3.56 -11.64 -9.56
N HIS B 59 4.31 -11.75 -10.66
CA HIS B 59 5.75 -12.07 -10.59
C HIS B 59 6.55 -10.87 -11.05
N LEU B 60 7.87 -10.96 -10.90
CA LEU B 60 8.74 -9.87 -11.28
C LEU B 60 9.92 -10.42 -12.05
N VAL B 61 10.14 -9.87 -13.25
CA VAL B 61 11.36 -10.16 -14.00
C VAL B 61 12.22 -8.91 -14.02
N SER B 62 13.52 -9.12 -13.87
CA SER B 62 14.47 -8.04 -13.96
C SER B 62 15.35 -8.25 -15.20
N LEU B 63 15.43 -7.21 -16.03
CA LEU B 63 16.33 -7.21 -17.17
C LEU B 63 17.53 -6.34 -16.78
N SER B 64 18.59 -6.98 -16.31
CA SER B 64 19.68 -6.24 -15.70
C SER B 64 20.98 -6.44 -16.44
N ALA B 65 21.69 -5.33 -16.68
CA ALA B 65 23.07 -5.41 -17.15
C ALA B 65 23.95 -5.71 -15.95
N LEU B 66 23.99 -6.98 -15.56
CA LEU B 66 24.83 -7.44 -14.47
C LEU B 66 26.32 -7.23 -14.81
N ASN B 67 26.65 -7.25 -16.10
CA ASN B 67 27.94 -6.77 -16.59
C ASN B 67 27.66 -5.62 -17.54
N ARG B 68 28.41 -4.54 -17.39
CA ARG B 68 28.13 -3.32 -18.11
C ARG B 68 28.39 -3.52 -19.61
N HIS B 69 29.39 -4.34 -19.94
CA HIS B 69 29.72 -4.68 -21.32
C HIS B 69 29.49 -6.15 -21.61
N THR B 70 29.19 -6.46 -22.88
CA THR B 70 28.99 -7.85 -23.34
C THR B 70 30.32 -8.60 -23.46
N SER B 71 31.29 -7.95 -24.10
CA SER B 71 32.61 -8.55 -24.34
C SER B 71 33.57 -8.13 -23.23
N GLY B 72 34.68 -8.87 -23.11
CA GLY B 72 35.73 -8.56 -22.16
C GLY B 72 35.45 -8.91 -20.71
N VAL B 73 34.40 -9.68 -20.46
CA VAL B 73 34.05 -10.02 -19.07
C VAL B 73 34.84 -11.25 -18.62
N PRO B 74 35.73 -11.10 -17.63
CA PRO B 74 36.46 -12.30 -17.18
C PRO B 74 35.50 -13.37 -16.69
N SER B 75 35.84 -14.65 -16.89
CA SER B 75 34.87 -15.73 -16.65
C SER B 75 34.40 -15.84 -15.20
N GLN B 76 35.31 -15.59 -14.26
CA GLN B 76 35.09 -15.97 -12.87
C GLN B 76 35.45 -14.87 -11.88
N GLY B 77 35.30 -13.62 -12.27
CA GLY B 77 35.64 -12.52 -11.38
C GLY B 77 36.88 -11.74 -11.82
N ALA B 78 37.21 -10.68 -11.10
CA ALA B 78 38.27 -9.77 -11.55
C ALA B 78 38.70 -8.96 -10.34
N PRO B 79 39.88 -8.33 -10.40
CA PRO B 79 40.41 -7.59 -9.24
C PRO B 79 39.85 -6.16 -9.15
N VAL B 80 38.53 -6.05 -9.06
CA VAL B 80 37.84 -4.76 -9.08
C VAL B 80 36.71 -4.80 -8.07
N PHE B 81 36.72 -3.86 -7.12
CA PHE B 81 35.73 -3.80 -6.04
C PHE B 81 34.38 -3.30 -6.57
N TYR B 82 34.41 -2.23 -7.35
CA TYR B 82 33.18 -1.64 -7.86
C TYR B 82 32.66 -2.41 -9.08
N GLU B 83 31.83 -3.41 -8.79
CA GLU B 83 31.22 -4.26 -9.80
C GLU B 83 29.76 -4.47 -9.36
N ASN B 84 28.90 -4.84 -10.29
CA ASN B 84 27.47 -4.89 -10.04
C ASN B 84 27.05 -6.10 -9.21
N THR B 85 27.18 -5.97 -7.90
CA THR B 85 26.85 -7.05 -6.98
C THR B 85 25.38 -6.94 -6.50
N PHE B 86 24.48 -6.88 -7.47
CA PHE B 86 23.03 -6.90 -7.22
C PHE B 86 22.70 -7.82 -6.04
N SER B 87 21.90 -7.33 -5.09
CA SER B 87 21.61 -8.12 -3.88
C SER B 87 20.14 -8.33 -3.61
N TYR B 88 19.28 -7.97 -4.57
CA TYR B 88 17.81 -8.05 -4.32
C TYR B 88 17.14 -9.22 -5.07
N TRP B 89 17.88 -10.32 -5.18
CA TRP B 89 17.34 -11.55 -5.75
C TRP B 89 16.03 -11.94 -5.06
N HIS B 90 15.92 -11.61 -3.77
CA HIS B 90 14.74 -11.98 -2.99
C HIS B 90 13.42 -11.40 -3.50
N TYR B 91 13.48 -10.35 -4.31
CA TYR B 91 12.23 -9.80 -4.87
C TYR B 91 12.07 -10.17 -6.34
N THR B 92 13.00 -10.93 -6.90
N THR B 92 12.99 -10.98 -6.87
CA THR B 92 12.89 -11.29 -8.30
CA THR B 92 13.04 -11.33 -8.30
C THR B 92 12.45 -12.75 -8.45
C THR B 92 12.64 -12.78 -8.59
N ASP B 93 11.66 -12.98 -9.48
CA ASP B 93 11.26 -14.35 -9.85
C ASP B 93 12.04 -14.87 -11.04
N LEU B 94 12.64 -13.96 -11.81
CA LEU B 94 13.34 -14.33 -13.04
C LEU B 94 14.33 -13.24 -13.37
N MET B 95 15.55 -13.63 -13.74
CA MET B 95 16.60 -12.68 -14.12
C MET B 95 16.94 -12.85 -15.60
N VAL B 96 16.87 -11.76 -16.34
CA VAL B 96 17.34 -11.75 -17.71
C VAL B 96 18.69 -11.04 -17.75
N TYR B 97 19.71 -11.74 -18.20
CA TYR B 97 21.03 -11.17 -18.37
C TYR B 97 20.97 -10.20 -19.57
N TRP B 98 21.08 -8.90 -19.30
CA TRP B 98 21.01 -7.91 -20.37
C TRP B 98 22.37 -7.73 -21.04
N ALA B 99 22.43 -8.00 -22.34
CA ALA B 99 23.68 -7.97 -23.07
C ALA B 99 23.36 -8.16 -24.53
N GLY B 100 24.36 -8.02 -25.39
CA GLY B 100 24.15 -8.22 -26.83
C GLY B 100 24.27 -6.92 -27.60
N SER B 101 24.98 -6.97 -28.72
CA SER B 101 25.13 -5.80 -29.58
C SER B 101 25.58 -6.26 -30.95
N ALA B 102 25.38 -5.41 -31.95
CA ALA B 102 25.81 -5.75 -33.30
C ALA B 102 27.34 -5.80 -33.38
N GLY B 103 28.00 -5.01 -32.55
CA GLY B 103 29.46 -4.95 -32.55
C GLY B 103 30.13 -6.16 -31.91
N GLU B 104 29.50 -6.70 -30.86
CA GLU B 104 30.15 -7.72 -30.04
C GLU B 104 29.59 -9.12 -30.22
N GLY B 105 28.28 -9.22 -30.39
CA GLY B 105 27.64 -10.53 -30.52
C GLY B 105 26.23 -10.42 -29.99
N ILE B 106 25.33 -11.17 -30.61
CA ILE B 106 23.90 -11.04 -30.31
C ILE B 106 23.34 -12.24 -29.53
N ILE B 107 24.10 -13.32 -29.41
CA ILE B 107 23.67 -14.42 -28.54
C ILE B 107 24.61 -14.42 -27.34
N VAL B 108 24.07 -14.19 -26.14
CA VAL B 108 24.93 -13.94 -25.01
C VAL B 108 24.44 -14.69 -23.77
N PRO B 109 25.20 -15.70 -23.33
CA PRO B 109 24.79 -16.37 -22.10
C PRO B 109 25.21 -15.55 -20.90
N PRO B 110 24.55 -15.78 -19.74
CA PRO B 110 25.09 -15.09 -18.55
C PRO B 110 26.45 -15.64 -18.13
N SER B 111 27.27 -14.77 -17.53
CA SER B 111 28.57 -15.20 -17.00
C SER B 111 28.39 -16.09 -15.77
N ALA B 112 29.32 -17.02 -15.54
CA ALA B 112 29.16 -18.05 -14.51
C ALA B 112 29.04 -17.48 -13.09
N ASP B 113 29.75 -16.39 -12.85
CA ASP B 113 29.72 -15.72 -11.54
C ASP B 113 28.31 -15.25 -11.19
N VAL B 114 27.59 -14.71 -12.18
CA VAL B 114 26.21 -14.26 -11.91
C VAL B 114 25.20 -15.39 -12.00
N ILE B 115 25.44 -16.40 -12.85
CA ILE B 115 24.60 -17.60 -12.77
C ILE B 115 24.63 -18.16 -11.35
N ASP B 116 25.83 -18.29 -10.79
CA ASP B 116 25.99 -18.82 -9.45
C ASP B 116 25.20 -17.99 -8.43
N ALA B 117 25.35 -16.67 -8.47
CA ALA B 117 24.66 -15.82 -7.51
C ALA B 117 23.13 -15.96 -7.65
N SER B 118 22.65 -15.99 -8.89
CA SER B 118 21.21 -16.13 -9.13
C SER B 118 20.73 -17.46 -8.57
N HIS B 119 21.48 -18.51 -8.88
CA HIS B 119 21.09 -19.88 -8.51
C HIS B 119 21.09 -20.09 -6.99
N ARG B 120 22.06 -19.51 -6.30
CA ARG B 120 22.10 -19.67 -4.83
C ARG B 120 20.81 -19.14 -4.21
N ASN B 121 20.21 -18.16 -4.89
CA ASN B 121 18.96 -17.52 -4.47
C ASN B 121 17.69 -18.07 -5.11
N GLY B 122 17.84 -19.17 -5.85
CA GLY B 122 16.68 -19.83 -6.44
C GLY B 122 16.05 -19.07 -7.59
N VAL B 123 16.84 -18.18 -8.20
CA VAL B 123 16.32 -17.37 -9.30
C VAL B 123 16.80 -17.92 -10.63
N PRO B 124 15.86 -18.35 -11.48
CA PRO B 124 16.25 -18.76 -12.84
C PRO B 124 16.83 -17.58 -13.59
N ILE B 125 17.88 -17.82 -14.36
CA ILE B 125 18.53 -16.73 -15.11
C ILE B 125 18.61 -17.11 -16.59
N LEU B 126 18.28 -16.14 -17.46
CA LEU B 126 18.19 -16.39 -18.89
C LEU B 126 19.31 -15.70 -19.64
N GLY B 127 19.76 -16.35 -20.71
CA GLY B 127 20.67 -15.72 -21.65
C GLY B 127 19.89 -14.83 -22.60
N ASN B 128 20.59 -14.13 -23.48
CA ASN B 128 19.95 -13.10 -24.30
C ASN B 128 20.19 -13.40 -25.78
N VAL B 129 19.12 -13.33 -26.56
CA VAL B 129 19.27 -13.32 -28.02
C VAL B 129 18.67 -12.00 -28.52
N PHE B 130 19.53 -11.12 -29.01
CA PHE B 130 19.16 -9.75 -29.32
C PHE B 130 19.32 -9.45 -30.81
N PHE B 131 18.21 -9.35 -31.53
CA PHE B 131 18.27 -8.89 -32.92
C PHE B 131 18.09 -7.37 -32.93
N PRO B 132 19.20 -6.61 -33.12
CA PRO B 132 19.10 -5.17 -32.89
C PRO B 132 18.36 -4.39 -33.97
N PRO B 133 17.91 -3.18 -33.64
CA PRO B 133 17.39 -2.28 -34.67
C PRO B 133 18.46 -2.06 -35.72
N THR B 134 18.04 -1.82 -36.96
CA THR B 134 18.96 -1.50 -38.05
C THR B 134 19.90 -0.35 -37.70
N VAL B 135 19.38 0.69 -37.06
CA VAL B 135 20.21 1.85 -36.75
C VAL B 135 21.36 1.55 -35.77
N TYR B 136 21.22 0.48 -34.98
CA TYR B 136 22.30 0.05 -34.09
C TYR B 136 23.04 -1.15 -34.67
N GLY B 137 22.92 -1.32 -35.99
CA GLY B 137 23.72 -2.30 -36.72
C GLY B 137 23.08 -3.66 -36.91
N GLY B 138 21.79 -3.76 -36.62
CA GLY B 138 21.08 -5.00 -36.78
C GLY B 138 21.02 -5.41 -38.23
N GLN B 139 20.98 -6.73 -38.47
CA GLN B 139 20.93 -7.28 -39.82
C GLN B 139 19.88 -8.38 -39.91
N LEU B 140 19.00 -8.30 -40.92
CA LEU B 140 18.05 -9.37 -41.13
C LEU B 140 18.76 -10.71 -41.36
N GLU B 141 19.96 -10.68 -41.91
CA GLU B 141 20.66 -11.92 -42.21
C GLU B 141 20.86 -12.73 -40.94
N TRP B 142 21.13 -12.04 -39.83
CA TRP B 142 21.32 -12.72 -38.56
C TRP B 142 20.05 -13.41 -38.11
N LEU B 143 18.92 -12.74 -38.34
CA LEU B 143 17.64 -13.34 -38.00
C LEU B 143 17.37 -14.57 -38.83
N GLU B 144 17.61 -14.46 -40.14
CA GLU B 144 17.38 -15.56 -41.07
C GLU B 144 18.28 -16.77 -40.74
N GLN B 145 19.53 -16.50 -40.39
CA GLN B 145 20.44 -17.56 -39.94
C GLN B 145 19.87 -18.29 -38.72
N MET B 146 19.42 -17.52 -37.73
CA MET B 146 18.89 -18.14 -36.53
C MET B 146 17.67 -19.02 -36.82
N LEU B 147 16.93 -18.66 -37.86
CA LEU B 147 15.66 -19.31 -38.15
C LEU B 147 15.76 -20.43 -39.19
N GLU B 148 16.98 -20.75 -39.61
CA GLU B 148 17.20 -21.81 -40.59
C GLU B 148 16.68 -23.15 -40.08
N GLN B 149 15.93 -23.84 -40.93
CA GLN B 149 15.30 -25.09 -40.55
C GLN B 149 15.72 -26.22 -41.51
N GLU B 150 16.04 -27.39 -40.96
CA GLU B 150 16.39 -28.53 -41.80
C GLU B 150 15.18 -29.35 -42.27
N GLU B 151 15.43 -30.30 -43.17
CA GLU B 151 14.36 -31.15 -43.67
C GLU B 151 13.83 -31.90 -42.47
N ASP B 152 14.73 -32.16 -41.53
CA ASP B 152 14.39 -32.60 -40.18
C ASP B 152 13.14 -31.95 -39.70
N GLY B 153 13.00 -30.69 -40.07
CA GLY B 153 12.12 -29.76 -39.35
C GLY B 153 12.82 -29.22 -38.10
N SER B 154 14.06 -29.63 -37.86
CA SER B 154 14.78 -29.12 -36.68
C SER B 154 15.38 -27.73 -36.96
N PHE B 155 15.52 -26.93 -35.91
CA PHE B 155 16.21 -25.66 -36.01
C PHE B 155 17.58 -25.79 -35.35
N PRO B 156 18.63 -25.96 -36.16
CA PRO B 156 19.97 -26.24 -35.65
C PRO B 156 20.47 -25.16 -34.69
N LEU B 157 20.08 -23.91 -34.90
CA LEU B 157 20.50 -22.83 -34.01
C LEU B 157 19.75 -22.85 -32.68
N ALA B 158 18.49 -23.28 -32.71
CA ALA B 158 17.73 -23.55 -31.49
C ALA B 158 18.41 -24.65 -30.72
N ASP B 159 18.77 -25.73 -31.42
CA ASP B 159 19.54 -26.78 -30.78
C ASP B 159 20.76 -26.22 -30.06
N LYS B 160 21.48 -25.30 -30.70
CA LYS B 160 22.66 -24.74 -30.09
C LYS B 160 22.30 -23.94 -28.83
N LEU B 161 21.19 -23.20 -28.89
CA LEU B 161 20.76 -22.44 -27.70
C LEU B 161 20.56 -23.37 -26.51
N LEU B 162 19.94 -24.51 -26.79
CA LEU B 162 19.69 -25.50 -25.76
C LEU B 162 20.99 -26.12 -25.26
N GLU B 163 21.92 -26.37 -26.18
CA GLU B 163 23.20 -26.99 -25.82
C GLU B 163 23.99 -26.06 -24.91
N VAL B 164 23.95 -24.77 -25.21
CA VAL B 164 24.72 -23.79 -24.45
C VAL B 164 24.11 -23.66 -23.06
N ALA B 165 22.79 -23.56 -22.99
CA ALA B 165 22.13 -23.47 -21.68
C ALA B 165 22.43 -24.70 -20.83
N ASP B 166 22.44 -25.87 -21.46
CA ASP B 166 22.72 -27.11 -20.72
C ASP B 166 24.16 -27.14 -20.23
N TYR B 167 25.09 -26.85 -21.12
CA TYR B 167 26.51 -26.95 -20.79
C TYR B 167 26.94 -25.93 -19.73
N TYR B 168 26.56 -24.68 -19.94
CA TYR B 168 26.92 -23.62 -19.01
C TYR B 168 26.06 -23.65 -17.74
N GLY B 169 24.84 -24.17 -17.85
CA GLY B 169 24.00 -24.36 -16.66
C GLY B 169 23.16 -23.14 -16.31
N PHE B 170 22.37 -22.66 -17.27
CA PHE B 170 21.37 -21.63 -16.97
C PHE B 170 20.01 -22.02 -17.56
N ASP B 171 19.03 -21.14 -17.42
CA ASP B 171 17.65 -21.60 -17.29
C ASP B 171 16.74 -21.22 -18.43
N GLY B 172 17.34 -20.76 -19.52
CA GLY B 172 16.56 -20.45 -20.72
C GLY B 172 17.07 -19.21 -21.42
N TRP B 173 16.18 -18.60 -22.21
CA TRP B 173 16.55 -17.55 -23.14
C TRP B 173 15.47 -16.49 -23.22
N PHE B 174 15.94 -15.27 -23.37
CA PHE B 174 15.13 -14.07 -23.64
C PHE B 174 15.38 -13.72 -25.11
N ILE B 175 14.32 -13.75 -25.90
CA ILE B 175 14.36 -13.57 -27.36
C ILE B 175 13.77 -12.20 -27.70
N ASN B 176 14.61 -11.34 -28.25
CA ASN B 176 14.25 -9.94 -28.43
C ASN B 176 14.46 -9.55 -29.89
N GLN B 177 13.39 -9.59 -30.67
CA GLN B 177 13.50 -9.36 -32.11
C GLN B 177 13.21 -7.88 -32.40
N GLN B 178 14.25 -7.09 -32.62
CA GLN B 178 14.07 -5.65 -32.83
C GLN B 178 14.49 -5.19 -34.23
N THR B 179 14.83 -6.15 -35.09
CA THR B 179 15.29 -5.82 -36.44
C THR B 179 14.11 -5.58 -37.37
N GLU B 180 14.07 -4.39 -37.98
CA GLU B 180 13.00 -4.01 -38.88
C GLU B 180 13.12 -4.71 -40.22
N GLY B 181 11.98 -4.84 -40.91
CA GLY B 181 11.98 -5.28 -42.30
C GLY B 181 11.66 -6.75 -42.54
N ALA B 182 11.36 -7.50 -41.47
CA ALA B 182 10.96 -8.90 -41.60
C ALA B 182 9.58 -8.99 -42.24
N ASP B 183 9.36 -10.03 -43.02
CA ASP B 183 8.07 -10.22 -43.70
C ASP B 183 7.27 -11.30 -42.98
N GLU B 184 6.07 -11.60 -43.47
CA GLU B 184 5.20 -12.57 -42.77
C GLU B 184 5.81 -13.98 -42.72
N GLY B 185 6.51 -14.36 -43.78
CA GLY B 185 7.21 -15.63 -43.79
C GLY B 185 8.18 -15.71 -42.62
N THR B 186 8.88 -14.61 -42.37
CA THR B 186 9.81 -14.54 -41.24
C THR B 186 9.08 -14.61 -39.90
N ALA B 187 7.96 -13.89 -39.76
CA ALA B 187 7.14 -13.99 -38.56
C ALA B 187 6.77 -15.44 -38.29
N GLU B 188 6.33 -16.14 -39.34
CA GLU B 188 5.93 -17.53 -39.20
C GLU B 188 7.11 -18.46 -38.83
N ALA B 189 8.29 -18.19 -39.38
CA ALA B 189 9.46 -19.00 -39.03
C ALA B 189 9.85 -18.78 -37.56
N MET B 190 9.74 -17.54 -37.07
CA MET B 190 10.01 -17.26 -35.65
C MET B 190 9.03 -17.99 -34.74
N GLN B 191 7.76 -18.02 -35.09
CA GLN B 191 6.81 -18.76 -34.28
C GLN B 191 7.16 -20.24 -34.25
N ALA B 192 7.55 -20.79 -35.40
CA ALA B 192 7.90 -22.21 -35.47
C ALA B 192 9.17 -22.48 -34.67
N PHE B 193 10.11 -21.55 -34.70
CA PHE B 193 11.36 -21.63 -33.96
C PHE B 193 11.07 -21.67 -32.46
N LEU B 194 10.15 -20.83 -32.01
CA LEU B 194 9.76 -20.76 -30.60
C LEU B 194 9.04 -22.03 -30.16
N VAL B 195 8.13 -22.52 -31.02
CA VAL B 195 7.44 -23.78 -30.75
C VAL B 195 8.44 -24.94 -30.67
N TYR B 196 9.42 -24.96 -31.56
CA TYR B 196 10.50 -25.97 -31.49
C TYR B 196 11.19 -25.93 -30.12
N LEU B 197 11.52 -24.73 -29.67
CA LEU B 197 12.17 -24.59 -28.37
C LEU B 197 11.27 -25.16 -27.27
N GLN B 198 9.97 -24.89 -27.35
CA GLN B 198 9.05 -25.38 -26.36
C GLN B 198 9.03 -26.92 -26.35
N GLU B 199 9.14 -27.49 -27.54
CA GLU B 199 9.05 -28.94 -27.71
C GLU B 199 10.31 -29.65 -27.26
N GLN B 200 11.45 -28.98 -27.42
CA GLN B 200 12.76 -29.60 -27.20
C GLN B 200 13.36 -29.29 -25.83
N LYS B 201 12.99 -28.17 -25.24
CA LYS B 201 13.67 -27.72 -24.02
C LYS B 201 13.49 -28.72 -22.87
N PRO B 202 14.41 -28.70 -21.91
CA PRO B 202 14.17 -29.51 -20.72
C PRO B 202 13.03 -28.93 -19.89
N GLU B 203 12.45 -29.76 -19.04
CA GLU B 203 11.43 -29.30 -18.14
C GLU B 203 12.05 -28.23 -17.26
N GLY B 204 11.29 -27.18 -17.02
CA GLY B 204 11.78 -26.13 -16.16
C GLY B 204 12.39 -24.96 -16.92
N MET B 205 12.81 -25.19 -18.17
CA MET B 205 13.44 -24.10 -18.95
C MET B 205 12.41 -23.04 -19.35
N HIS B 206 12.84 -21.78 -19.34
CA HIS B 206 11.94 -20.64 -19.61
C HIS B 206 12.36 -19.89 -20.87
N ILE B 207 11.43 -19.67 -21.80
CA ILE B 207 11.68 -18.82 -22.95
C ILE B 207 10.78 -17.59 -22.88
N MET B 208 11.39 -16.42 -22.78
CA MET B 208 10.62 -15.18 -22.71
C MET B 208 10.79 -14.42 -24.01
N TRP B 209 9.69 -13.89 -24.52
CA TRP B 209 9.65 -13.20 -25.83
C TRP B 209 9.35 -11.73 -25.61
N TYR B 210 10.08 -10.86 -26.30
CA TYR B 210 9.83 -9.42 -26.19
C TYR B 210 8.68 -8.99 -27.13
N ASP B 211 7.76 -8.19 -26.61
CA ASP B 211 6.66 -7.61 -27.39
C ASP B 211 7.17 -6.61 -28.43
N SER B 212 7.44 -7.10 -29.63
CA SER B 212 8.00 -6.25 -30.67
C SER B 212 7.46 -6.64 -32.04
N MET B 213 7.99 -7.73 -32.61
CA MET B 213 7.57 -8.17 -33.94
C MET B 213 6.17 -8.77 -33.90
N ILE B 214 5.26 -8.24 -34.72
CA ILE B 214 3.88 -8.72 -34.72
C ILE B 214 3.66 -9.82 -35.77
N ASP B 215 2.41 -10.23 -35.97
CA ASP B 215 2.13 -11.32 -36.90
C ASP B 215 2.58 -11.07 -38.35
N THR B 216 2.60 -9.82 -38.77
CA THR B 216 2.99 -9.47 -40.15
C THR B 216 4.50 -9.50 -40.33
N GLY B 217 5.23 -9.51 -39.23
CA GLY B 217 6.68 -9.38 -39.29
C GLY B 217 7.18 -7.98 -38.96
N ALA B 218 6.30 -6.99 -39.00
CA ALA B 218 6.74 -5.63 -38.72
C ALA B 218 7.06 -5.48 -37.23
N ILE B 219 7.95 -4.56 -36.91
CA ILE B 219 8.16 -4.16 -35.52
C ILE B 219 7.06 -3.16 -35.18
N ALA B 220 6.15 -3.58 -34.31
CA ALA B 220 5.05 -2.75 -33.86
C ALA B 220 4.73 -3.14 -32.42
N TRP B 221 5.55 -2.65 -31.49
CA TRP B 221 5.35 -2.96 -30.07
C TRP B 221 3.90 -2.64 -29.70
N GLN B 222 3.23 -3.58 -29.04
CA GLN B 222 1.81 -3.40 -28.67
C GLN B 222 1.62 -2.81 -27.28
N ASN B 223 2.61 -3.02 -26.41
CA ASN B 223 2.60 -2.55 -25.01
C ASN B 223 1.59 -3.27 -24.14
N HIS B 224 0.96 -4.29 -24.75
CA HIS B 224 -0.17 -5.07 -24.21
C HIS B 224 -0.15 -6.43 -24.91
N LEU B 225 -0.81 -7.44 -24.33
CA LEU B 225 -1.08 -8.65 -25.09
C LEU B 225 -2.27 -8.34 -25.99
N THR B 226 -2.11 -8.53 -27.29
CA THR B 226 -3.21 -8.20 -28.22
C THR B 226 -3.32 -9.24 -29.33
N ASP B 227 -4.37 -9.14 -30.14
CA ASP B 227 -4.48 -10.03 -31.28
C ASP B 227 -3.28 -9.98 -32.24
N ARG B 228 -2.47 -8.93 -32.17
CA ARG B 228 -1.33 -8.77 -33.10
C ARG B 228 -0.05 -9.49 -32.63
N ASN B 229 0.05 -9.79 -31.34
CA ASN B 229 1.26 -10.46 -30.84
C ASN B 229 0.99 -11.75 -30.06
N LYS B 230 -0.28 -12.05 -29.81
CA LYS B 230 -0.62 -13.18 -28.96
C LYS B 230 -0.10 -14.53 -29.49
N MET B 231 0.09 -14.61 -30.81
CA MET B 231 0.59 -15.84 -31.41
C MET B 231 2.07 -16.12 -31.08
N TYR B 232 2.73 -15.16 -30.44
CA TYR B 232 4.09 -15.41 -29.93
C TYR B 232 4.11 -15.95 -28.50
N LEU B 233 2.92 -16.14 -27.91
CA LEU B 233 2.76 -16.70 -26.57
C LEU B 233 2.03 -18.06 -26.62
N GLN B 234 0.88 -18.09 -27.28
CA GLN B 234 0.04 -19.28 -27.30
C GLN B 234 -0.76 -19.26 -28.59
N ASN B 235 -0.87 -20.40 -29.26
CA ASN B 235 -1.67 -20.49 -30.48
C ASN B 235 -2.60 -21.66 -30.34
N GLY B 236 -3.86 -21.38 -30.01
CA GLY B 236 -4.79 -22.46 -29.67
C GLY B 236 -4.20 -23.30 -28.56
N SER B 237 -4.03 -24.60 -28.81
CA SER B 237 -3.49 -25.52 -27.81
C SER B 237 -1.96 -25.62 -27.82
N THR B 238 -1.31 -24.89 -28.72
CA THR B 238 0.14 -24.90 -28.84
C THR B 238 0.80 -23.79 -28.01
N ARG B 239 1.62 -24.18 -27.06
CA ARG B 239 2.39 -23.19 -26.30
C ARG B 239 3.54 -22.67 -27.16
N VAL B 240 3.61 -21.35 -27.32
CA VAL B 240 4.67 -20.74 -28.13
C VAL B 240 5.84 -20.19 -27.27
N ALA B 241 5.52 -19.53 -26.17
CA ALA B 241 6.56 -19.04 -25.27
C ALA B 241 6.07 -19.11 -23.83
N ASP B 242 7.00 -19.11 -22.89
CA ASP B 242 6.63 -19.17 -21.49
C ASP B 242 6.15 -17.84 -20.93
N SER B 243 6.58 -16.75 -21.57
CA SER B 243 6.17 -15.42 -21.14
C SER B 243 6.32 -14.37 -22.24
N MET B 244 5.70 -13.22 -22.02
CA MET B 244 5.91 -12.05 -22.87
C MET B 244 6.29 -10.86 -22.02
N PHE B 245 7.36 -10.17 -22.42
CA PHE B 245 7.74 -8.90 -21.83
C PHE B 245 7.05 -7.80 -22.65
N LEU B 246 6.13 -7.07 -22.02
CA LEU B 246 5.34 -6.04 -22.69
C LEU B 246 6.14 -4.74 -22.80
N ASN B 247 6.09 -4.10 -23.98
CA ASN B 247 6.80 -2.84 -24.18
C ASN B 247 6.20 -1.70 -23.33
N PHE B 248 6.94 -0.60 -23.23
CA PHE B 248 6.74 0.38 -22.15
C PHE B 248 5.55 1.35 -22.24
N TRP B 249 4.95 1.48 -23.42
CA TRP B 249 3.96 2.56 -23.60
C TRP B 249 2.54 2.07 -23.28
N TRP B 250 2.26 1.99 -21.97
CA TRP B 250 0.96 1.57 -21.43
C TRP B 250 0.63 2.40 -20.19
N ARG B 251 -0.66 2.48 -19.88
CA ARG B 251 -1.08 3.09 -18.61
C ARG B 251 -2.04 2.16 -17.86
N ASP B 252 -2.63 1.19 -18.55
CA ASP B 252 -3.51 0.18 -17.91
C ASP B 252 -3.39 -1.21 -18.58
N GLN B 253 -3.37 -2.26 -17.77
CA GLN B 253 -3.18 -3.61 -18.29
C GLN B 253 -4.40 -4.54 -18.17
N ARG B 254 -5.54 -4.00 -17.75
CA ARG B 254 -6.75 -4.81 -17.69
C ARG B 254 -7.02 -5.62 -18.98
N GLN B 255 -6.90 -4.96 -20.12
CA GLN B 255 -7.16 -5.58 -21.43
C GLN B 255 -6.25 -6.79 -21.67
N SER B 256 -5.00 -6.69 -21.25
CA SER B 256 -4.08 -7.83 -21.40
C SER B 256 -4.47 -8.99 -20.51
N ASN B 257 -4.89 -8.67 -19.30
CA ASN B 257 -5.33 -9.68 -18.35
C ASN B 257 -6.52 -10.44 -18.94
N GLU B 258 -7.48 -9.69 -19.48
CA GLU B 258 -8.67 -10.31 -20.06
C GLU B 258 -8.32 -11.23 -21.24
N LEU B 259 -7.46 -10.75 -22.14
CA LEU B 259 -7.02 -11.53 -23.30
C LEU B 259 -6.26 -12.81 -22.90
N ALA B 260 -5.31 -12.69 -21.96
CA ALA B 260 -4.61 -13.87 -21.51
C ALA B 260 -5.58 -14.95 -21.04
N GLN B 261 -6.56 -14.56 -20.23
CA GLN B 261 -7.55 -15.49 -19.71
C GLN B 261 -8.33 -16.16 -20.85
N ALA B 262 -8.72 -15.36 -21.84
CA ALA B 262 -9.38 -15.88 -23.04
C ALA B 262 -8.52 -16.92 -23.79
N LEU B 263 -7.20 -16.75 -23.78
CA LEU B 263 -6.28 -17.69 -24.43
C LEU B 263 -6.00 -18.89 -23.56
N GLY B 264 -6.48 -18.87 -22.32
CA GLY B 264 -6.16 -19.91 -21.35
C GLY B 264 -4.73 -19.87 -20.83
N ARG B 265 -4.16 -18.68 -20.74
CA ARG B 265 -2.82 -18.53 -20.15
C ARG B 265 -2.94 -17.67 -18.90
N SER B 266 -2.04 -17.89 -17.93
CA SER B 266 -1.98 -17.01 -16.78
C SER B 266 -1.62 -15.57 -17.19
N PRO B 267 -2.38 -14.58 -16.72
CA PRO B 267 -2.01 -13.18 -16.97
C PRO B 267 -0.64 -12.87 -16.38
N TYR B 268 -0.16 -13.70 -15.43
CA TYR B 268 1.13 -13.44 -14.80
C TYR B 268 2.33 -13.92 -15.61
N ASP B 269 2.04 -14.47 -16.79
CA ASP B 269 3.08 -14.77 -17.77
C ASP B 269 3.31 -13.54 -18.65
N LEU B 270 2.57 -12.46 -18.40
CA LEU B 270 2.79 -11.19 -19.07
C LEU B 270 3.54 -10.27 -18.12
N TYR B 271 4.70 -9.76 -18.53
CA TYR B 271 5.46 -8.86 -17.65
C TYR B 271 5.42 -7.45 -18.18
N ALA B 272 4.65 -6.59 -17.50
CA ALA B 272 4.47 -5.22 -17.99
C ALA B 272 5.75 -4.40 -17.80
N GLY B 273 6.36 -3.94 -18.90
CA GLY B 273 7.66 -3.30 -18.83
C GLY B 273 7.64 -1.90 -18.23
N VAL B 274 8.63 -1.62 -17.39
CA VAL B 274 8.89 -0.25 -16.92
C VAL B 274 10.37 0.03 -17.15
N ASP B 275 10.67 1.18 -17.77
CA ASP B 275 12.03 1.54 -18.16
C ASP B 275 12.62 2.44 -17.07
N VAL B 276 13.48 1.88 -16.23
CA VAL B 276 14.03 2.59 -15.08
C VAL B 276 15.49 2.95 -15.28
N GLU B 277 15.99 2.72 -16.48
CA GLU B 277 17.42 2.85 -16.74
C GLU B 277 17.99 4.22 -16.35
N ALA B 278 17.30 5.28 -16.75
CA ALA B 278 17.85 6.63 -16.54
C ALA B 278 17.55 7.23 -15.16
N ARG B 279 16.33 7.00 -14.67
CA ARG B 279 15.83 7.68 -13.47
C ARG B 279 15.59 6.81 -12.24
N GLY B 280 15.66 5.49 -12.41
CA GLY B 280 15.43 4.59 -11.27
C GLY B 280 14.13 4.89 -10.54
N THR B 281 14.23 5.22 -9.27
CA THR B 281 13.06 5.49 -8.43
C THR B 281 12.26 6.72 -8.87
N SER B 282 12.82 7.52 -9.77
CA SER B 282 12.12 8.70 -10.29
C SER B 282 11.40 8.44 -11.60
N THR B 283 11.32 7.16 -11.97
CA THR B 283 10.55 6.77 -13.15
C THR B 283 9.07 6.73 -12.76
N PRO B 284 8.25 7.56 -13.42
CA PRO B 284 6.80 7.55 -13.14
C PRO B 284 6.10 6.31 -13.69
N VAL B 285 5.27 5.68 -12.87
CA VAL B 285 4.54 4.49 -13.26
C VAL B 285 3.11 4.62 -12.78
N GLN B 286 2.16 4.26 -13.64
CA GLN B 286 0.73 4.24 -13.25
C GLN B 286 0.46 2.93 -12.55
N TRP B 287 0.87 2.86 -11.28
CA TRP B 287 0.85 1.60 -10.55
C TRP B 287 -0.55 1.00 -10.52
N GLU B 288 -1.55 1.85 -10.45
CA GLU B 288 -2.94 1.40 -10.41
C GLU B 288 -3.36 0.68 -11.70
N GLY B 289 -2.62 0.91 -12.79
CA GLY B 289 -2.89 0.23 -14.06
C GLY B 289 -2.37 -1.19 -14.08
N LEU B 290 -1.61 -1.54 -13.04
CA LEU B 290 -1.04 -2.86 -12.93
C LEU B 290 -1.57 -3.54 -11.65
N PHE B 291 -1.71 -2.74 -10.60
CA PHE B 291 -2.14 -3.22 -9.29
C PHE B 291 -3.39 -2.48 -8.83
N PRO B 292 -4.53 -2.77 -9.46
CA PRO B 292 -5.80 -2.13 -9.15
C PRO B 292 -6.21 -2.40 -7.70
N GLU B 293 -6.77 -1.38 -7.05
CA GLU B 293 -7.20 -1.52 -5.67
C GLU B 293 -8.35 -2.49 -5.58
N GLY B 294 -8.25 -3.42 -4.62
CA GLY B 294 -9.32 -4.37 -4.33
C GLY B 294 -9.53 -5.41 -5.40
N GLU B 295 -8.53 -5.61 -6.25
CA GLU B 295 -8.60 -6.66 -7.26
C GLU B 295 -7.24 -7.30 -7.34
N LYS B 296 -7.18 -8.47 -7.98
CA LYS B 296 -5.91 -9.13 -8.27
C LYS B 296 -5.08 -8.26 -9.22
N ALA B 297 -3.76 -8.35 -9.12
CA ALA B 297 -2.89 -7.66 -10.07
C ALA B 297 -3.30 -8.08 -11.49
N HIS B 298 -3.23 -7.14 -12.44
CA HIS B 298 -3.56 -7.45 -13.83
C HIS B 298 -2.54 -8.37 -14.49
N THR B 299 -1.26 -8.07 -14.29
CA THR B 299 -0.22 -8.85 -14.93
C THR B 299 0.98 -8.85 -13.99
N SER B 300 2.07 -9.49 -14.42
CA SER B 300 3.33 -9.39 -13.69
C SER B 300 4.05 -8.10 -14.11
N LEU B 301 5.23 -7.87 -13.53
CA LEU B 301 5.97 -6.64 -13.73
C LEU B 301 7.36 -6.92 -14.30
N GLY B 302 7.75 -6.13 -15.30
CA GLY B 302 9.06 -6.29 -15.93
C GLY B 302 9.84 -5.01 -15.71
N LEU B 303 10.96 -5.12 -15.01
CA LEU B 303 11.82 -3.96 -14.75
C LEU B 303 12.97 -3.93 -15.74
N TYR B 304 13.00 -2.88 -16.56
CA TYR B 304 14.06 -2.75 -17.55
C TYR B 304 15.22 -1.89 -17.01
N ARG B 305 16.35 -2.53 -16.69
CA ARG B 305 17.58 -1.85 -16.27
C ARG B 305 17.61 -1.29 -14.83
N PRO B 306 17.21 -2.11 -13.85
CA PRO B 306 17.33 -1.63 -12.46
C PRO B 306 18.80 -1.50 -12.06
N ASP B 307 19.71 -1.95 -12.92
CA ASP B 307 21.15 -1.74 -12.72
C ASP B 307 21.50 -0.25 -12.84
N TRP B 308 20.49 0.58 -13.13
CA TRP B 308 20.57 2.03 -12.87
C TRP B 308 21.26 2.31 -11.53
N ALA B 309 20.99 1.47 -10.53
CA ALA B 309 21.54 1.73 -9.20
C ALA B 309 23.06 1.73 -9.22
N PHE B 310 23.61 0.87 -10.07
CA PHE B 310 25.05 0.70 -10.22
C PHE B 310 25.64 1.70 -11.22
N GLN B 311 25.01 1.80 -12.38
CA GLN B 311 25.54 2.65 -13.45
C GLN B 311 25.46 4.15 -13.13
N SER B 312 24.49 4.55 -12.31
CA SER B 312 24.35 5.95 -11.86
C SER B 312 25.13 6.30 -10.59
N SER B 313 25.94 5.36 -10.07
CA SER B 313 26.72 5.61 -8.85
C SER B 313 28.18 5.35 -9.12
N GLU B 314 29.05 5.76 -8.20
CA GLU B 314 30.49 5.56 -8.39
C GLU B 314 31.12 4.88 -7.18
N THR B 315 30.34 4.68 -6.12
CA THR B 315 30.85 3.97 -4.96
C THR B 315 29.91 2.87 -4.53
N MET B 316 30.48 1.84 -3.93
CA MET B 316 29.71 0.71 -3.44
C MET B 316 28.61 1.16 -2.48
N GLU B 317 28.94 2.06 -1.54
CA GLU B 317 27.91 2.59 -0.64
C GLU B 317 26.73 3.26 -1.36
N ALA B 318 27.00 4.11 -2.34
CA ALA B 318 25.93 4.84 -3.00
C ALA B 318 25.06 3.87 -3.78
N PHE B 319 25.74 2.88 -4.40
CA PHE B 319 25.08 1.83 -5.19
C PHE B 319 24.13 1.03 -4.30
N TYR B 320 24.62 0.60 -3.14
CA TYR B 320 23.79 -0.23 -2.27
C TYR B 320 22.64 0.59 -1.70
N GLU B 321 22.91 1.86 -1.37
CA GLU B 321 21.81 2.75 -0.97
C GLU B 321 20.71 2.89 -2.03
N LYS B 322 21.08 3.07 -3.30
CA LYS B 322 20.07 3.20 -4.35
C LYS B 322 19.30 1.89 -4.51
N GLU B 323 19.98 0.76 -4.39
CA GLU B 323 19.29 -0.52 -4.50
C GLU B 323 18.26 -0.62 -3.38
N LEU B 324 18.64 -0.25 -2.17
CA LEU B 324 17.67 -0.28 -1.08
C LEU B 324 16.50 0.65 -1.42
N GLN B 325 16.78 1.86 -1.90
CA GLN B 325 15.70 2.81 -2.19
C GLN B 325 14.75 2.28 -3.26
N PHE B 326 15.32 1.58 -4.24
CA PHE B 326 14.56 1.04 -5.36
C PHE B 326 13.72 -0.17 -4.95
N TRP B 327 14.35 -1.13 -4.26
CA TRP B 327 13.70 -2.42 -4.00
C TRP B 327 12.84 -2.42 -2.73
N VAL B 328 13.29 -1.69 -1.70
CA VAL B 328 12.55 -1.59 -0.45
C VAL B 328 11.76 -0.30 -0.37
N GLY B 329 12.32 0.80 -0.89
CA GLY B 329 11.60 2.08 -0.89
C GLY B 329 12.15 3.04 0.14
N SER B 330 11.59 4.25 0.19
CA SER B 330 12.22 5.32 0.97
C SER B 330 12.14 5.16 2.48
N THR B 331 11.30 4.26 2.98
CA THR B 331 11.21 4.10 4.42
C THR B 331 12.33 3.23 4.96
N GLY B 332 13.00 2.49 4.07
CA GLY B 332 14.08 1.61 4.47
C GLY B 332 13.61 0.44 5.32
N ASN B 333 12.32 0.15 5.25
CA ASN B 333 11.73 -0.94 6.02
C ASN B 333 10.70 -1.66 5.16
N PRO B 334 11.01 -2.89 4.72
CA PRO B 334 10.09 -3.57 3.79
C PRO B 334 8.74 -3.92 4.41
N ALA B 335 8.64 -3.88 5.75
CA ALA B 335 7.37 -4.18 6.43
C ALA B 335 6.45 -2.97 6.48
N GLU B 336 7.01 -1.80 6.24
CA GLU B 336 6.32 -0.52 6.44
C GLU B 336 6.66 0.38 5.26
N THR B 337 6.02 0.10 4.13
CA THR B 337 6.23 0.89 2.93
C THR B 337 5.27 2.07 2.89
N ASP B 338 5.58 3.05 2.05
CA ASP B 338 4.74 4.24 1.95
C ASP B 338 3.96 4.19 0.64
N GLY B 339 2.69 3.87 0.72
CA GLY B 339 1.84 3.81 -0.46
C GLY B 339 1.54 5.16 -1.09
N GLN B 340 1.90 6.25 -0.41
CA GLN B 340 1.65 7.59 -0.95
C GLN B 340 2.80 8.05 -1.83
N SER B 341 3.89 7.30 -1.80
CA SER B 341 5.07 7.66 -2.54
C SER B 341 4.87 7.34 -4.02
N ASN B 342 5.44 8.17 -4.90
CA ASN B 342 5.50 7.84 -6.33
C ASN B 342 6.21 6.51 -6.57
N TRP B 343 7.15 6.19 -5.68
CA TRP B 343 7.87 4.92 -5.74
C TRP B 343 7.82 4.19 -4.40
N PRO B 344 6.77 3.38 -4.19
CA PRO B 344 6.58 2.67 -2.93
C PRO B 344 7.65 1.60 -2.66
N GLY B 345 8.28 1.10 -3.71
CA GLY B 345 9.34 0.12 -3.58
C GLY B 345 8.78 -1.24 -3.93
N MET B 346 9.63 -2.14 -4.39
CA MET B 346 9.10 -3.43 -4.82
C MET B 346 8.53 -4.22 -3.63
N ALA B 347 9.07 -4.00 -2.43
CA ALA B 347 8.55 -4.64 -1.21
C ALA B 347 7.07 -4.36 -0.97
N HIS B 348 6.57 -3.25 -1.52
CA HIS B 348 5.17 -2.88 -1.36
C HIS B 348 4.22 -3.85 -2.06
N TRP B 349 4.68 -4.51 -3.13
CA TRP B 349 3.83 -5.41 -3.91
C TRP B 349 4.26 -6.86 -3.87
N PHE B 350 5.55 -7.13 -3.67
CA PHE B 350 6.06 -8.50 -3.79
C PHE B 350 6.64 -9.00 -2.49
N PRO B 351 6.19 -10.17 -2.02
CA PRO B 351 6.88 -10.76 -0.88
C PRO B 351 8.37 -11.03 -1.18
N ALA B 352 9.20 -10.99 -0.14
CA ALA B 352 10.58 -11.42 -0.24
C ALA B 352 10.59 -12.94 -0.17
N LYS B 353 11.40 -13.56 -1.04
CA LYS B 353 11.61 -15.00 -1.01
C LYS B 353 13.02 -15.32 -0.51
N SER B 354 13.20 -16.52 0.03
CA SER B 354 14.43 -16.92 0.66
C SER B 354 14.77 -18.36 0.31
N THR B 355 16.05 -18.61 0.05
CA THR B 355 16.50 -20.00 -0.14
C THR B 355 17.19 -20.57 1.12
N ALA B 356 16.97 -19.93 2.27
CA ALA B 356 17.49 -20.46 3.53
C ALA B 356 16.55 -21.57 3.96
N THR B 357 16.56 -22.67 3.20
CA THR B 357 15.53 -23.70 3.33
C THR B 357 16.11 -25.10 3.43
N SER B 358 17.43 -25.19 3.57
CA SER B 358 18.10 -26.48 3.80
C SER B 358 19.23 -26.31 4.80
N VAL B 359 19.50 -27.36 5.56
CA VAL B 359 20.57 -27.32 6.54
C VAL B 359 21.77 -28.11 5.95
N PRO B 360 23.00 -27.57 6.05
CA PRO B 360 23.37 -26.34 6.76
C PRO B 360 23.02 -25.09 5.97
N PHE B 361 22.57 -24.07 6.68
CA PHE B 361 22.42 -22.75 6.09
C PHE B 361 23.57 -21.92 6.62
N VAL B 362 24.39 -21.38 5.73
CA VAL B 362 25.61 -20.71 6.15
C VAL B 362 25.68 -19.41 5.37
N THR B 363 25.94 -18.31 6.07
CA THR B 363 26.24 -17.02 5.44
C THR B 363 27.43 -16.31 6.13
N HIS B 364 28.23 -15.60 5.36
CA HIS B 364 29.28 -14.71 5.89
C HIS B 364 29.08 -13.26 5.44
N PHE B 365 27.87 -12.97 4.97
CA PHE B 365 27.47 -11.62 4.56
C PHE B 365 28.43 -11.13 3.47
N ASN B 366 28.88 -12.08 2.65
CA ASN B 366 29.73 -11.78 1.50
C ASN B 366 28.87 -11.19 0.38
N THR B 367 29.12 -9.93 0.02
CA THR B 367 28.29 -9.26 -0.99
C THR B 367 28.75 -9.53 -2.42
N GLY B 368 29.87 -10.23 -2.59
CA GLY B 368 30.34 -10.60 -3.92
C GLY B 368 31.53 -9.79 -4.43
N SER B 369 31.93 -8.77 -3.68
CA SER B 369 33.18 -8.03 -3.99
C SER B 369 33.74 -7.41 -2.71
N GLY B 370 34.98 -6.92 -2.77
CA GLY B 370 35.57 -6.31 -1.59
C GLY B 370 36.79 -5.48 -1.93
N ALA B 371 37.22 -4.63 -0.99
CA ALA B 371 38.48 -3.88 -1.12
C ALA B 371 39.65 -4.76 -0.71
N GLN B 372 39.35 -5.76 0.13
CA GLN B 372 40.35 -6.72 0.60
C GLN B 372 39.67 -8.06 0.81
N PHE B 373 40.46 -9.10 1.09
CA PHE B 373 39.92 -10.42 1.37
C PHE B 373 40.50 -10.92 2.69
N SER B 374 39.64 -11.44 3.56
CA SER B 374 40.01 -11.96 4.87
C SER B 374 39.65 -13.42 5.00
N ALA B 375 40.46 -14.16 5.77
CA ALA B 375 40.14 -15.53 6.16
C ALA B 375 40.32 -15.57 7.68
N GLU B 376 39.31 -16.07 8.37
CA GLU B 376 39.26 -16.06 9.85
C GLU B 376 39.61 -14.71 10.41
N GLY B 377 39.16 -13.66 9.73
CA GLY B 377 39.33 -12.30 10.23
C GLY B 377 40.75 -11.77 10.08
N LYS B 378 41.62 -12.48 9.36
CA LYS B 378 42.92 -11.88 8.98
C LYS B 378 42.99 -11.60 7.49
N THR B 379 43.54 -10.44 7.14
CA THR B 379 43.70 -10.08 5.74
C THR B 379 44.63 -11.05 5.03
N VAL B 380 44.14 -11.67 3.94
CA VAL B 380 44.97 -12.59 3.15
C VAL B 380 45.23 -12.07 1.74
N SER B 381 44.51 -11.01 1.36
CA SER B 381 44.79 -10.24 0.17
C SER B 381 44.39 -8.80 0.41
N GLU B 382 45.29 -7.88 0.03
CA GLU B 382 45.02 -6.45 0.12
C GLU B 382 44.42 -5.88 -1.17
N GLN B 383 44.19 -6.76 -2.14
CA GLN B 383 43.75 -6.33 -3.46
C GLN B 383 42.22 -6.31 -3.56
N GLU B 384 41.68 -5.30 -4.23
CA GLU B 384 40.27 -5.31 -4.59
C GLU B 384 39.95 -6.57 -5.36
N TRP B 385 38.71 -7.04 -5.26
CA TRP B 385 38.32 -8.25 -5.96
C TRP B 385 36.81 -8.26 -6.13
N ASN B 386 36.34 -8.93 -7.17
CA ASN B 386 34.94 -9.36 -7.21
C ASN B 386 34.87 -10.79 -7.66
N ASN B 387 33.94 -11.52 -7.09
CA ASN B 387 33.65 -12.86 -7.55
C ASN B 387 32.27 -13.20 -7.05
N ARG B 388 31.29 -12.94 -7.90
CA ARG B 388 29.92 -13.05 -7.47
C ARG B 388 29.47 -14.50 -7.18
N SER B 389 30.30 -15.48 -7.56
CA SER B 389 30.06 -16.89 -7.14
C SER B 389 30.25 -17.04 -5.61
N LEU B 390 30.86 -16.03 -4.99
CA LEU B 390 31.05 -16.06 -3.52
C LEU B 390 29.99 -15.26 -2.79
N GLN B 391 29.15 -14.55 -3.53
CA GLN B 391 28.07 -13.81 -2.88
C GLN B 391 27.21 -14.80 -2.10
N ASP B 392 26.92 -14.43 -0.85
CA ASP B 392 26.13 -15.27 0.03
C ASP B 392 24.64 -14.95 -0.15
N VAL B 393 23.81 -15.79 0.46
CA VAL B 393 22.40 -15.45 0.65
C VAL B 393 22.34 -14.34 1.71
N LEU B 394 21.87 -13.17 1.30
CA LEU B 394 21.95 -11.99 2.17
C LEU B 394 20.57 -11.74 2.80
N PRO B 395 20.47 -10.84 3.78
CA PRO B 395 19.21 -10.80 4.53
C PRO B 395 17.96 -10.58 3.69
N THR B 396 16.91 -11.30 4.08
CA THR B 396 15.59 -11.17 3.48
C THR B 396 15.08 -9.73 3.67
N TRP B 397 15.44 -9.12 4.79
CA TRP B 397 14.85 -7.85 5.17
C TRP B 397 15.92 -6.77 5.28
N ARG B 398 15.76 -5.72 4.47
CA ARG B 398 16.66 -4.58 4.49
C ARG B 398 15.85 -3.30 4.72
N TRP B 399 15.55 -2.94 5.98
CA TRP B 399 15.97 -3.64 7.20
C TRP B 399 14.80 -3.56 8.18
N ILE B 400 14.75 -4.51 9.11
CA ILE B 400 13.72 -4.55 10.12
C ILE B 400 14.38 -4.62 11.50
N GLN B 401 14.19 -3.55 12.30
CA GLN B 401 14.65 -3.55 13.69
C GLN B 401 13.52 -3.21 14.66
N HIS B 402 13.74 -3.55 15.93
CA HIS B 402 12.85 -3.12 16.99
C HIS B 402 13.73 -2.65 18.16
N GLY B 403 13.51 -1.41 18.61
CA GLY B 403 14.27 -0.86 19.74
C GLY B 403 15.58 -0.24 19.30
N GLY B 404 16.14 0.60 20.17
CA GLY B 404 17.46 1.17 20.02
C GLY B 404 17.46 2.28 19.00
N ASP B 405 18.63 2.87 18.77
CA ASP B 405 18.81 3.90 17.75
C ASP B 405 20.00 3.50 16.88
N LEU B 406 19.85 2.35 16.22
CA LEU B 406 20.95 1.75 15.47
C LEU B 406 20.61 1.77 14.00
N GLU B 407 21.64 1.61 13.17
CA GLU B 407 21.47 1.47 11.73
C GLU B 407 22.16 0.19 11.29
N ALA B 408 21.65 -0.44 10.24
CA ALA B 408 22.28 -1.63 9.69
C ALA B 408 22.67 -1.41 8.22
N THR B 409 23.91 -1.75 7.88
CA THR B 409 24.38 -1.67 6.49
C THR B 409 25.48 -2.71 6.36
N PHE B 410 25.92 -3.00 5.14
CA PHE B 410 27.12 -3.80 5.01
C PHE B 410 28.35 -2.95 5.24
N SER B 411 29.40 -3.58 5.74
CA SER B 411 30.70 -2.94 5.84
C SER B 411 31.68 -3.67 4.96
N TRP B 412 32.50 -2.91 4.23
CA TRP B 412 33.63 -3.46 3.48
C TRP B 412 34.97 -3.09 4.16
N GLU B 413 34.89 -2.63 5.41
CA GLU B 413 36.09 -2.37 6.22
C GLU B 413 36.39 -3.51 7.19
N GLU B 414 35.38 -4.29 7.56
CA GLU B 414 35.56 -5.40 8.48
C GLU B 414 35.01 -6.66 7.83
N ALA B 415 35.74 -7.77 7.97
CA ALA B 415 35.31 -9.03 7.37
C ALA B 415 35.90 -10.22 8.10
N PHE B 416 35.13 -11.29 8.23
CA PHE B 416 35.63 -12.51 8.83
C PHE B 416 36.08 -13.46 7.72
N GLU B 417 35.21 -13.66 6.73
CA GLU B 417 35.53 -14.49 5.55
C GLU B 417 35.08 -13.76 4.29
N GLY B 418 36.02 -13.35 3.45
CA GLY B 418 35.63 -12.58 2.27
C GLY B 418 35.90 -11.10 2.46
N GLY B 419 35.01 -10.26 1.94
CA GLY B 419 35.30 -8.84 1.88
C GLY B 419 34.33 -7.99 2.67
N SER B 420 33.41 -8.61 3.38
CA SER B 420 32.37 -7.79 4.01
C SER B 420 31.75 -8.43 5.27
N SER B 421 31.01 -7.62 6.00
CA SER B 421 30.28 -8.09 7.17
C SER B 421 29.03 -7.22 7.28
N LEU B 422 28.14 -7.60 8.17
CA LEU B 422 26.97 -6.80 8.47
C LEU B 422 27.34 -5.89 9.63
N GLN B 423 27.17 -4.58 9.45
N GLN B 423 27.19 -4.57 9.46
CA GLN B 423 27.43 -3.62 10.50
CA GLN B 423 27.49 -3.64 10.55
C GLN B 423 26.10 -3.21 11.14
C GLN B 423 26.19 -3.10 11.14
N TRP B 424 26.07 -3.14 12.46
CA TRP B 424 24.86 -2.76 13.17
C TRP B 424 25.35 -1.84 14.26
N HIS B 425 25.09 -0.53 14.14
CA HIS B 425 25.78 0.42 15.01
C HIS B 425 24.95 1.68 15.25
N GLY B 426 25.19 2.32 16.38
CA GLY B 426 24.47 3.54 16.72
C GLY B 426 24.48 3.71 18.22
N SER B 427 23.40 4.25 18.74
CA SER B 427 23.21 4.46 20.17
C SER B 427 22.29 3.41 20.73
N LEU B 428 22.62 2.94 21.92
CA LEU B 428 21.74 2.02 22.61
C LEU B 428 21.97 2.28 24.09
N ALA B 429 20.96 2.83 24.74
CA ALA B 429 21.08 3.29 26.13
C ALA B 429 21.24 2.11 27.06
N GLU B 430 21.88 2.35 28.20
CA GLU B 430 22.11 1.31 29.18
C GLU B 430 20.79 0.59 29.50
N GLY B 431 20.80 -0.73 29.43
CA GLY B 431 19.61 -1.52 29.76
C GLY B 431 18.55 -1.66 28.68
N GLU B 432 18.67 -0.91 27.60
CA GLU B 432 17.68 -0.99 26.51
C GLU B 432 18.04 -2.12 25.58
N HIS B 433 17.01 -2.74 24.99
CA HIS B 433 17.22 -3.87 24.10
C HIS B 433 16.91 -3.49 22.64
N ALA B 434 17.69 -4.02 21.71
CA ALA B 434 17.39 -3.80 20.29
C ALA B 434 17.44 -5.16 19.63
N GLN B 435 16.60 -5.35 18.64
CA GLN B 435 16.59 -6.56 17.85
C GLN B 435 16.66 -6.23 16.38
N ILE B 436 17.30 -7.09 15.61
CA ILE B 436 17.27 -6.97 14.16
C ILE B 436 16.85 -8.31 13.54
N GLU B 437 15.75 -8.30 12.81
CA GLU B 437 15.29 -9.50 12.13
C GLU B 437 15.84 -9.57 10.71
N LEU B 438 16.53 -10.67 10.39
CA LEU B 438 17.35 -10.74 9.18
C LEU B 438 16.81 -11.66 8.09
N TYR B 439 16.45 -12.90 8.44
CA TYR B 439 16.07 -13.89 7.43
C TYR B 439 14.75 -14.56 7.69
N GLN B 440 13.97 -14.74 6.62
CA GLN B 440 12.90 -15.73 6.59
C GLN B 440 13.53 -17.07 6.20
N THR B 441 13.16 -18.15 6.88
CA THR B 441 13.84 -19.43 6.66
C THR B 441 12.86 -20.59 6.74
N GLU B 442 13.35 -21.79 6.41
CA GLU B 442 12.59 -22.99 6.67
C GLU B 442 13.62 -24.09 6.87
N LEU B 443 14.12 -24.19 8.10
CA LEU B 443 15.25 -25.04 8.39
C LEU B 443 14.87 -26.10 9.42
N PRO B 444 14.89 -27.38 9.03
CA PRO B 444 14.54 -28.42 10.00
C PRO B 444 15.67 -28.59 11.03
N ILE B 445 15.32 -28.68 12.30
CA ILE B 445 16.32 -28.85 13.35
C ILE B 445 16.38 -30.34 13.69
N SER B 446 17.60 -30.85 13.85
CA SER B 446 17.79 -32.25 14.21
C SER B 446 18.73 -32.34 15.38
N GLU B 447 18.96 -33.55 15.88
CA GLU B 447 20.07 -33.78 16.78
C GLU B 447 21.36 -33.32 16.11
N GLY B 448 22.20 -32.61 16.85
CA GLY B 448 23.47 -32.19 16.33
C GLY B 448 23.41 -30.86 15.60
N THR B 449 22.22 -30.31 15.43
CA THR B 449 22.10 -28.97 14.82
C THR B 449 22.45 -27.89 15.84
N SER B 450 23.28 -26.93 15.45
CA SER B 450 23.60 -25.80 16.31
C SER B 450 23.49 -24.48 15.53
N LEU B 451 23.26 -23.40 16.26
CA LEU B 451 23.37 -22.05 15.71
C LEU B 451 24.77 -21.53 16.03
N THR B 452 25.45 -20.92 15.05
CA THR B 452 26.77 -20.35 15.30
C THR B 452 26.76 -18.96 14.68
N TRP B 453 27.43 -18.02 15.35
CA TRP B 453 27.56 -16.67 14.81
C TRP B 453 28.87 -16.06 15.29
N THR B 454 29.42 -15.14 14.49
CA THR B 454 30.75 -14.65 14.74
C THR B 454 30.74 -13.16 14.53
N PHE B 455 31.27 -12.42 15.50
CA PHE B 455 31.12 -10.96 15.48
C PHE B 455 32.22 -10.27 16.24
N LYS B 456 32.31 -8.96 16.01
CA LYS B 456 33.06 -8.06 16.87
C LYS B 456 32.10 -7.04 17.45
N SER B 457 32.39 -6.57 18.66
CA SER B 457 31.54 -5.60 19.32
C SER B 457 32.45 -4.52 19.92
N GLU B 458 32.42 -3.34 19.34
CA GLU B 458 33.41 -2.32 19.69
C GLU B 458 33.24 -1.76 21.09
N HIS B 459 32.02 -1.76 21.61
CA HIS B 459 31.78 -1.21 22.95
C HIS B 459 31.53 -2.28 24.01
N GLY B 460 31.76 -3.54 23.64
CA GLY B 460 31.75 -4.61 24.63
C GLY B 460 30.44 -5.36 24.82
N ASN B 461 29.34 -4.81 24.31
CA ASN B 461 28.03 -5.49 24.37
C ASN B 461 28.18 -6.88 23.76
N ASP B 462 27.58 -7.89 24.39
CA ASP B 462 27.49 -9.22 23.77
C ASP B 462 26.46 -9.18 22.66
N LEU B 463 26.52 -10.14 21.76
CA LEU B 463 25.51 -10.26 20.69
C LEU B 463 24.75 -11.58 20.87
N ASN B 464 23.44 -11.50 21.11
CA ASN B 464 22.62 -12.71 21.25
C ASN B 464 22.01 -13.07 19.89
N VAL B 465 21.64 -14.33 19.71
CA VAL B 465 21.00 -14.75 18.46
C VAL B 465 19.50 -14.84 18.66
N GLY B 466 18.74 -14.68 17.58
CA GLY B 466 17.30 -14.88 17.61
C GLY B 466 16.91 -15.92 16.58
N PHE B 467 16.00 -16.82 16.95
CA PHE B 467 15.41 -17.74 15.99
C PHE B 467 13.91 -17.87 16.26
N ARG B 468 13.14 -18.02 15.19
CA ARG B 468 11.69 -18.15 15.29
C ARG B 468 11.34 -19.57 14.87
N LEU B 469 10.47 -20.22 15.65
CA LEU B 469 10.02 -21.58 15.36
C LEU B 469 8.64 -21.57 14.71
N ASP B 470 8.42 -22.50 13.78
CA ASP B 470 7.13 -22.64 13.16
C ASP B 470 6.06 -22.84 14.25
N GLY B 471 4.95 -22.10 14.13
CA GLY B 471 3.91 -22.15 15.14
C GLY B 471 4.00 -21.00 16.14
N GLU B 472 5.14 -20.31 16.15
CA GLU B 472 5.39 -19.24 17.12
C GLU B 472 5.57 -17.92 16.38
N GLU B 473 4.91 -16.86 16.82
CA GLU B 473 5.09 -15.55 16.17
C GLU B 473 6.26 -14.74 16.75
N ASP B 474 6.68 -15.04 17.98
CA ASP B 474 7.77 -14.30 18.61
C ASP B 474 9.10 -15.02 18.42
N PHE B 475 10.14 -14.27 18.05
CA PHE B 475 11.49 -14.80 18.04
C PHE B 475 11.95 -15.10 19.45
N ARG B 476 12.69 -16.20 19.60
CA ARG B 476 13.36 -16.53 20.84
C ARG B 476 14.76 -15.95 20.79
N TYR B 477 15.10 -15.07 21.72
CA TYR B 477 16.45 -14.48 21.76
C TYR B 477 17.21 -15.16 22.88
N VAL B 478 18.38 -15.72 22.53
CA VAL B 478 19.11 -16.61 23.44
C VAL B 478 20.60 -16.29 23.39
N GLU B 479 21.27 -16.47 24.54
CA GLU B 479 22.70 -16.27 24.65
C GLU B 479 23.47 -17.45 24.07
N GLY B 480 24.61 -17.14 23.47
CA GLY B 480 25.58 -18.20 23.08
C GLY B 480 26.05 -18.97 24.31
N GLU B 481 26.39 -20.24 24.10
CA GLU B 481 26.85 -21.11 25.19
C GLU B 481 28.33 -21.40 25.11
N GLN B 482 28.82 -21.75 23.93
CA GLN B 482 30.23 -22.10 23.79
C GLN B 482 30.95 -21.01 23.02
N ARG B 483 32.01 -20.47 23.60
CA ARG B 483 32.72 -19.34 22.98
C ARG B 483 34.07 -19.75 22.43
N GLU B 484 34.43 -19.19 21.27
CA GLU B 484 35.80 -19.30 20.78
C GLU B 484 36.21 -17.93 20.26
N SER B 485 37.43 -17.53 20.57
CA SER B 485 37.98 -16.25 20.10
C SER B 485 38.90 -16.52 18.92
N ILE B 486 38.65 -15.82 17.81
CA ILE B 486 39.35 -16.07 16.57
C ILE B 486 39.83 -14.75 15.98
N ASN B 487 41.13 -14.49 16.10
CA ASN B 487 41.69 -13.25 15.55
C ASN B 487 40.87 -11.99 15.86
N GLY B 488 40.43 -11.83 17.11
CA GLY B 488 39.69 -10.63 17.51
C GLY B 488 38.19 -10.74 17.39
N TRP B 489 37.72 -11.79 16.73
CA TRP B 489 36.28 -12.07 16.59
C TRP B 489 35.81 -13.05 17.66
N THR B 490 34.56 -12.90 18.08
CA THR B 490 33.95 -13.83 19.03
C THR B 490 32.99 -14.78 18.28
N GLN B 491 33.20 -16.08 18.40
CA GLN B 491 32.27 -17.05 17.80
C GLN B 491 31.50 -17.77 18.90
N TRP B 492 30.18 -17.64 18.87
CA TRP B 492 29.30 -18.37 19.79
C TRP B 492 28.69 -19.56 19.08
N THR B 493 28.53 -20.64 19.84
CA THR B 493 27.77 -21.78 19.40
C THR B 493 26.63 -22.02 20.39
N LEU B 494 25.46 -22.30 19.86
CA LEU B 494 24.28 -22.64 20.65
C LEU B 494 23.68 -23.95 20.13
N PRO B 495 23.82 -25.06 20.89
CA PRO B 495 23.19 -26.30 20.38
C PRO B 495 21.67 -26.16 20.37
N LEU B 496 21.02 -26.71 19.35
CA LEU B 496 19.58 -26.61 19.22
C LEU B 496 18.87 -27.96 19.37
N ASP B 497 19.58 -28.94 19.91
CA ASP B 497 19.05 -30.31 20.05
C ASP B 497 17.70 -30.36 20.74
N ALA B 498 17.49 -29.47 21.70
CA ALA B 498 16.22 -29.42 22.43
C ALA B 498 15.03 -29.19 21.52
N PHE B 499 15.29 -28.63 20.33
CA PHE B 499 14.21 -28.31 19.40
C PHE B 499 14.22 -29.25 18.19
N ALA B 500 14.89 -30.39 18.34
CA ALA B 500 14.94 -31.36 17.26
C ALA B 500 13.51 -31.69 16.85
N GLY B 501 13.27 -31.77 15.54
CA GLY B 501 11.92 -31.98 15.02
C GLY B 501 11.14 -30.72 14.68
N GLN B 502 11.54 -29.57 15.25
CA GLN B 502 10.90 -28.29 14.95
C GLN B 502 11.54 -27.66 13.70
N THR B 503 10.97 -26.58 13.22
CA THR B 503 11.50 -25.92 12.03
C THR B 503 11.73 -24.45 12.34
N ILE B 504 12.93 -23.96 12.07
CA ILE B 504 13.20 -22.54 12.21
C ILE B 504 12.66 -21.78 10.99
N THR B 505 11.90 -20.72 11.25
CA THR B 505 11.29 -19.91 10.20
C THR B 505 11.83 -18.48 10.19
N GLY B 506 12.69 -18.14 11.15
CA GLY B 506 13.35 -16.81 11.09
C GLY B 506 14.66 -16.76 11.85
N LEU B 507 15.58 -15.91 11.40
CA LEU B 507 16.84 -15.67 12.12
C LEU B 507 17.01 -14.17 12.37
N ALA B 508 17.57 -13.84 13.53
CA ALA B 508 17.66 -12.48 14.02
C ALA B 508 18.86 -12.32 14.95
N PHE B 509 19.14 -11.10 15.39
CA PHE B 509 20.08 -10.89 16.50
C PHE B 509 19.51 -9.90 17.50
N ALA B 510 20.06 -9.90 18.71
CA ALA B 510 19.62 -8.94 19.73
C ALA B 510 20.79 -8.47 20.59
N ALA B 511 20.65 -7.28 21.16
CA ALA B 511 21.69 -6.75 22.02
C ALA B 511 21.08 -5.91 23.12
N GLU B 512 21.84 -5.73 24.18
CA GLU B 512 21.44 -4.88 25.31
C GLU B 512 22.46 -3.74 25.48
N GLY B 513 21.96 -2.56 25.76
CA GLY B 513 22.89 -1.42 25.93
C GLY B 513 23.64 -1.53 27.25
N ASN B 514 24.84 -0.97 27.28
CA ASN B 514 25.62 -0.93 28.50
C ASN B 514 25.88 0.51 28.85
N GLU B 515 26.84 0.75 29.75
CA GLU B 515 27.02 2.10 30.29
C GLU B 515 27.64 3.06 29.29
N THR B 516 28.23 2.55 28.20
CA THR B 516 28.77 3.43 27.16
C THR B 516 27.69 4.13 26.36
N GLY B 517 26.48 3.57 26.34
CA GLY B 517 25.38 4.12 25.57
C GLY B 517 25.53 3.93 24.07
N LEU B 518 26.57 3.20 23.65
CA LEU B 518 26.80 3.00 22.22
C LEU B 518 26.89 1.51 21.90
N ALA B 519 26.67 1.16 20.63
CA ALA B 519 26.86 -0.23 20.23
C ALA B 519 27.38 -0.21 18.80
N GLU B 520 28.33 -1.08 18.51
CA GLU B 520 28.89 -1.13 17.17
C GLU B 520 29.35 -2.56 16.92
N PHE B 521 28.55 -3.28 16.14
CA PHE B 521 28.82 -4.69 15.84
C PHE B 521 29.22 -4.88 14.38
N TYR B 522 30.15 -5.80 14.14
CA TYR B 522 30.39 -6.31 12.78
C TYR B 522 30.07 -7.79 12.88
N ILE B 523 29.13 -8.25 12.05
CA ILE B 523 28.73 -9.64 12.12
C ILE B 523 29.20 -10.34 10.84
N GLY B 524 30.06 -11.33 11.03
CA GLY B 524 30.84 -11.89 9.93
C GLY B 524 30.46 -13.30 9.52
N GLN B 525 29.60 -13.92 10.31
CA GLN B 525 29.22 -15.32 10.06
C GLN B 525 27.96 -15.66 10.85
N LEU B 526 27.10 -16.51 10.25
CA LEU B 526 25.89 -16.99 10.90
C LEU B 526 25.59 -18.33 10.25
N ALA B 527 25.30 -19.36 11.02
CA ALA B 527 24.96 -20.65 10.41
C ALA B 527 24.04 -21.47 11.29
N VAL B 528 23.20 -22.27 10.65
CA VAL B 528 22.38 -23.29 11.32
C VAL B 528 22.82 -24.61 10.70
N GLY B 529 23.40 -25.51 11.49
CA GLY B 529 23.82 -26.79 10.93
C GLY B 529 24.68 -27.58 11.88
N ALA B 530 25.28 -28.65 11.35
CA ALA B 530 26.04 -29.57 12.16
C ALA B 530 27.53 -29.48 11.84
N ASP B 531 28.34 -29.97 12.77
CA ASP B 531 29.76 -30.14 12.53
C ASP B 531 29.89 -31.31 11.57
N SER B 532 30.47 -31.04 10.41
CA SER B 532 30.72 -32.03 9.37
C SER B 532 32.21 -32.10 9.03
N GLU B 533 32.63 -33.22 8.43
CA GLU B 533 34.05 -33.53 8.25
C GLU B 533 34.76 -32.56 7.29
N LYS B 534 36.08 -32.47 7.40
CA LYS B 534 36.80 -31.61 6.48
C LYS B 534 36.81 -32.24 5.10
N PRO B 535 36.75 -31.40 4.05
CA PRO B 535 36.84 -31.99 2.72
C PRO B 535 38.24 -32.51 2.48
N ALA B 536 38.39 -33.44 1.54
CA ALA B 536 39.68 -33.92 1.12
C ALA B 536 40.41 -32.81 0.35
N ALA B 537 41.74 -32.83 0.38
CA ALA B 537 42.57 -31.90 -0.36
C ALA B 537 42.26 -32.11 -1.84
N PRO B 538 42.11 -31.03 -2.62
CA PRO B 538 41.66 -31.26 -4.00
C PRO B 538 42.77 -31.83 -4.88
N ASN B 539 42.37 -32.56 -5.92
CA ASN B 539 43.33 -33.16 -6.84
C ASN B 539 43.75 -32.16 -7.89
N VAL B 540 44.59 -31.19 -7.51
CA VAL B 540 44.93 -30.11 -8.43
C VAL B 540 45.93 -30.54 -9.51
N ASN B 541 45.57 -30.33 -10.76
CA ASN B 541 46.48 -30.54 -11.86
C ASN B 541 46.83 -29.20 -12.51
N VAL B 542 48.09 -29.06 -12.93
CA VAL B 542 48.49 -27.87 -13.70
C VAL B 542 48.44 -28.17 -15.20
N ARG B 543 47.73 -27.31 -15.94
CA ARG B 543 47.60 -27.45 -17.39
C ARG B 543 47.79 -26.14 -18.15
N GLN B 544 48.06 -26.27 -19.45
CA GLN B 544 48.13 -25.12 -20.33
C GLN B 544 46.77 -24.44 -20.45
N TYR B 545 46.79 -23.13 -20.68
CA TYR B 545 45.60 -22.43 -21.12
C TYR B 545 45.95 -21.87 -22.51
N ASP B 546 45.49 -22.55 -23.56
CA ASP B 546 46.07 -22.34 -24.90
C ASP B 546 46.17 -20.88 -25.35
N PRO B 547 45.14 -20.07 -25.10
CA PRO B 547 45.21 -18.70 -25.63
C PRO B 547 46.32 -17.85 -25.00
N ASP B 548 46.80 -18.24 -23.82
CA ASP B 548 47.88 -17.49 -23.15
C ASP B 548 49.11 -18.34 -22.89
N PRO B 549 50.14 -18.21 -23.74
CA PRO B 549 51.32 -19.04 -23.52
C PRO B 549 51.96 -18.78 -22.17
N SER B 550 51.67 -17.63 -21.55
CA SER B 550 52.23 -17.30 -20.22
C SER B 550 51.34 -17.68 -19.03
N GLY B 551 50.16 -18.24 -19.34
CA GLY B 551 49.13 -18.50 -18.34
C GLY B 551 49.18 -19.96 -17.99
N ILE B 552 48.50 -20.32 -16.90
CA ILE B 552 48.27 -21.71 -16.54
C ILE B 552 46.83 -21.79 -16.09
N GLN B 553 46.32 -23.01 -16.01
CA GLN B 553 45.09 -23.25 -15.30
C GLN B 553 45.32 -24.38 -14.33
N LEU B 554 44.76 -24.23 -13.13
CA LEU B 554 44.74 -25.30 -12.14
C LEU B 554 43.38 -25.93 -12.30
N VAL B 555 43.33 -27.26 -12.33
CA VAL B 555 42.08 -27.96 -12.60
C VAL B 555 41.97 -29.13 -11.63
N TRP B 556 40.74 -29.36 -11.14
CA TRP B 556 40.50 -30.40 -10.13
C TRP B 556 39.11 -30.96 -10.36
N GLU B 557 38.76 -31.98 -9.58
CA GLU B 557 37.40 -32.52 -9.66
C GLU B 557 36.54 -31.80 -8.63
N LYS B 558 35.55 -31.04 -9.11
CA LYS B 558 34.65 -30.29 -8.22
C LYS B 558 33.83 -31.26 -7.39
N GLN B 559 33.89 -31.10 -6.07
CA GLN B 559 33.09 -31.91 -5.15
C GLN B 559 31.83 -31.13 -4.74
N SER B 560 30.69 -31.82 -4.70
CA SER B 560 29.41 -31.14 -4.44
C SER B 560 29.26 -30.58 -3.02
N ASN B 561 30.01 -31.12 -2.07
CA ASN B 561 30.07 -30.63 -0.68
C ASN B 561 31.09 -29.51 -0.48
N VAL B 562 31.74 -29.08 -1.55
CA VAL B 562 32.71 -27.98 -1.47
C VAL B 562 32.08 -26.69 -1.99
N HIS B 563 32.11 -25.65 -1.15
CA HIS B 563 31.55 -24.36 -1.53
C HIS B 563 32.46 -23.62 -2.51
N HIS B 564 33.74 -23.47 -2.17
CA HIS B 564 34.71 -22.89 -3.07
C HIS B 564 36.15 -23.28 -2.75
N TYR B 565 37.04 -22.89 -3.66
CA TYR B 565 38.46 -23.21 -3.58
C TYR B 565 39.22 -21.91 -3.46
N ARG B 566 40.27 -21.92 -2.65
CA ARG B 566 41.16 -20.76 -2.47
C ARG B 566 42.54 -21.18 -2.88
N VAL B 567 43.19 -20.33 -3.66
CA VAL B 567 44.56 -20.55 -4.10
C VAL B 567 45.45 -19.52 -3.45
N TYR B 568 46.38 -20.01 -2.65
CA TYR B 568 47.40 -19.19 -2.00
C TYR B 568 48.75 -19.37 -2.66
N LYS B 569 49.49 -18.26 -2.76
CA LYS B 569 50.86 -18.29 -3.28
C LYS B 569 51.82 -17.98 -2.15
N GLU B 570 52.86 -18.81 -2.02
CA GLU B 570 53.78 -18.69 -0.92
C GLU B 570 55.14 -18.20 -1.38
N LYS B 575 52.63 -15.38 2.41
CA LYS B 575 51.55 -16.15 1.84
C LYS B 575 50.40 -15.22 1.47
N GLU B 576 49.89 -15.34 0.25
CA GLU B 576 48.88 -14.42 -0.24
C GLU B 576 47.79 -15.15 -1.01
N LEU B 577 46.53 -14.80 -0.76
CA LEU B 577 45.44 -15.35 -1.57
C LEU B 577 45.50 -14.77 -2.98
N ILE B 578 45.64 -15.63 -3.99
CA ILE B 578 45.73 -15.14 -5.38
C ILE B 578 44.53 -15.46 -6.27
N GLY B 579 43.55 -16.17 -5.74
CA GLY B 579 42.35 -16.45 -6.50
C GLY B 579 41.37 -17.34 -5.77
N THR B 580 40.10 -17.21 -6.14
CA THR B 580 39.05 -18.07 -5.62
C THR B 580 38.27 -18.66 -6.80
N SER B 581 37.66 -19.82 -6.60
CA SER B 581 36.87 -20.44 -7.66
C SER B 581 35.76 -21.27 -7.03
N ALA B 582 34.57 -21.14 -7.59
CA ALA B 582 33.46 -22.00 -7.18
C ALA B 582 33.22 -23.08 -8.23
N GLY B 583 34.25 -23.37 -9.03
CA GLY B 583 34.11 -24.30 -10.15
C GLY B 583 35.13 -25.41 -10.03
N ASP B 584 35.52 -25.96 -11.18
CA ASP B 584 36.51 -27.03 -11.20
C ASP B 584 37.90 -26.53 -11.64
N ARG B 585 38.08 -25.23 -11.76
CA ARG B 585 39.39 -24.73 -12.19
C ARG B 585 39.53 -23.24 -11.97
N ILE B 586 40.73 -22.74 -12.22
CA ILE B 586 41.00 -21.32 -12.22
C ILE B 586 42.21 -21.02 -13.13
N TYR B 587 42.12 -19.92 -13.88
CA TYR B 587 43.22 -19.44 -14.70
C TYR B 587 44.10 -18.56 -13.85
N LEU B 588 45.41 -18.63 -14.03
CA LEU B 588 46.32 -17.78 -13.27
C LEU B 588 47.37 -17.21 -14.20
N GLU B 589 47.56 -15.90 -14.14
CA GLU B 589 48.52 -15.21 -14.99
C GLU B 589 49.86 -15.03 -14.30
N GLY B 590 50.90 -14.81 -15.10
CA GLY B 590 52.20 -14.38 -14.60
C GLY B 590 53.11 -15.41 -13.96
N LEU B 591 52.64 -16.64 -13.77
CA LEU B 591 53.44 -17.59 -13.02
C LEU B 591 54.47 -18.32 -13.88
N VAL B 592 54.17 -18.51 -15.16
CA VAL B 592 55.15 -19.10 -16.08
C VAL B 592 56.37 -18.18 -16.17
N GLU B 593 56.10 -16.90 -16.38
CA GLU B 593 57.16 -15.89 -16.38
C GLU B 593 57.93 -15.88 -15.05
N GLU B 594 57.20 -15.83 -13.93
CA GLU B 594 57.82 -15.84 -12.61
C GLU B 594 58.74 -17.06 -12.39
N SER B 595 58.38 -18.21 -12.96
CA SER B 595 59.19 -19.43 -12.78
C SER B 595 60.51 -19.43 -13.57
N LYS B 596 60.65 -18.50 -14.50
CA LYS B 596 61.91 -18.40 -15.26
C LYS B 596 63.09 -18.11 -14.32
N GLN B 597 62.82 -17.33 -13.27
CA GLN B 597 63.87 -16.91 -12.34
C GLN B 597 63.67 -17.43 -10.91
N ASN B 598 62.44 -17.79 -10.56
CA ASN B 598 62.13 -18.16 -9.20
C ASN B 598 61.27 -19.41 -9.10
N ASP B 599 61.34 -20.10 -7.97
CA ASP B 599 60.41 -21.18 -7.67
C ASP B 599 59.05 -20.59 -7.31
N VAL B 600 57.99 -21.22 -7.79
CA VAL B 600 56.64 -20.83 -7.39
C VAL B 600 56.04 -21.95 -6.55
N ARG B 601 55.46 -21.59 -5.42
CA ARG B 601 54.78 -22.58 -4.60
C ARG B 601 53.35 -22.17 -4.32
N LEU B 602 52.42 -23.05 -4.67
CA LEU B 602 51.00 -22.79 -4.45
C LEU B 602 50.36 -23.76 -3.47
N HIS B 603 49.35 -23.29 -2.75
CA HIS B 603 48.60 -24.13 -1.82
C HIS B 603 47.14 -23.94 -2.16
N ILE B 604 46.42 -25.02 -2.43
CA ILE B 604 45.02 -24.92 -2.81
C ILE B 604 44.16 -25.64 -1.78
N GLU B 605 43.18 -24.93 -1.23
CA GLU B 605 42.27 -25.45 -0.22
C GLU B 605 40.86 -25.57 -0.79
N ALA B 606 40.16 -26.64 -0.42
CA ALA B 606 38.72 -26.71 -0.65
C ALA B 606 38.01 -26.34 0.65
N LEU B 607 37.02 -25.44 0.56
CA LEU B 607 36.24 -25.08 1.76
C LEU B 607 34.85 -25.70 1.69
N SER B 608 34.47 -26.38 2.77
CA SER B 608 33.22 -27.10 2.79
C SER B 608 32.10 -26.08 2.86
N GLU B 609 30.85 -26.50 2.76
N GLU B 609 30.86 -26.57 2.81
CA GLU B 609 29.75 -25.55 2.85
CA GLU B 609 29.64 -25.75 2.92
C GLU B 609 29.74 -24.86 4.22
C GLU B 609 29.50 -25.06 4.28
N THR B 610 30.25 -25.54 5.26
CA THR B 610 30.34 -24.92 6.57
C THR B 610 31.71 -24.26 6.77
N PHE B 611 32.41 -24.05 5.66
CA PHE B 611 33.70 -23.36 5.61
C PHE B 611 34.82 -24.05 6.39
N VAL B 612 34.73 -25.35 6.54
CA VAL B 612 35.86 -26.08 7.07
C VAL B 612 36.85 -26.36 5.93
N PRO B 613 38.09 -25.87 6.05
CA PRO B 613 39.03 -26.06 4.94
C PRO B 613 39.68 -27.43 4.94
N SER B 614 39.91 -27.95 3.74
CA SER B 614 40.69 -29.15 3.53
C SER B 614 42.14 -28.88 3.90
N ASP B 615 42.93 -29.95 4.08
CA ASP B 615 44.37 -29.79 4.04
C ASP B 615 44.67 -29.14 2.69
N ALA B 616 45.67 -28.28 2.63
CA ALA B 616 45.95 -27.60 1.38
C ALA B 616 46.82 -28.48 0.47
N ARG B 617 46.44 -28.56 -0.81
CA ARG B 617 47.25 -29.30 -1.77
C ARG B 617 48.38 -28.39 -2.21
N MET B 618 49.63 -28.85 -2.08
N MET B 618 49.62 -28.87 -2.07
CA MET B 618 50.76 -28.02 -2.44
CA MET B 618 50.78 -28.09 -2.45
C MET B 618 51.29 -28.37 -3.83
C MET B 618 51.15 -28.39 -3.90
N ILE B 619 51.49 -27.35 -4.65
CA ILE B 619 52.02 -27.50 -6.00
C ILE B 619 53.26 -26.61 -6.14
N ASP B 620 54.34 -27.22 -6.62
CA ASP B 620 55.59 -26.51 -6.80
C ASP B 620 55.85 -26.36 -8.28
N ILE B 621 56.29 -25.18 -8.66
CA ILE B 621 56.86 -24.99 -9.98
C ILE B 621 58.27 -24.49 -9.79
N LYS B 622 59.22 -25.43 -9.81
CA LYS B 622 60.62 -25.08 -9.62
C LYS B 622 61.08 -24.22 -10.79
N SER B 623 61.94 -23.25 -10.49
CA SER B 623 62.51 -22.35 -11.49
C SER B 623 63.05 -23.11 -12.72
N GLY B 624 62.66 -22.69 -13.91
CA GLY B 624 63.11 -23.38 -15.14
C GLY B 624 62.52 -24.76 -15.38
N SER B 625 61.58 -25.17 -14.55
CA SER B 625 60.98 -26.51 -14.65
C SER B 625 60.00 -26.68 -15.82
N PHE B 626 59.60 -25.56 -16.44
CA PHE B 626 58.61 -25.59 -17.53
C PHE B 626 59.03 -24.64 -18.64
#